data_3OIS
#
_entry.id   3OIS
#
_cell.length_a   55.089
_cell.length_b   69.314
_cell.length_c   82.368
_cell.angle_alpha   75.860
_cell.angle_beta   75.430
_cell.angle_gamma   66.510
#
_symmetry.space_group_name_H-M   'P 1'
#
loop_
_entity.id
_entity.type
_entity.pdbx_description
1 polymer 'Cysteine protease'
2 non-polymer "URIDINE-5'-DIPHOSPHATE"
3 water water
#
_entity_poly.entity_id   1
_entity_poly.type   'polypeptide(L)'
_entity_poly.pdbx_seq_one_letter_code
;MGSSHHHHHHSSGLVPRGSHMQTVLKRRKKSGYGYIPDIADIRDFSYTPEKSVIAALPPKVDLTPPFQVYDQGRIGSCTA
NALAAAIQFERIHDKQSPEFIPSRLFIYYNERKIEGHVNYDSGAMIRDGIKVLHKLGVCPEKEWPYGDTPADPRTEEFPP
GAPASKKPSDQCYKDAQNYKITEYSRVAQDIDHLKACLAVGSPFVFGFSVYNSWVGNNSLPVRIPLPTKNDTLEGGHAVL
CVGYDDEIRHFRIRNSWGNNVGEDGYFWMPYEYISNTQLADDFWVIKTVRK
;
_entity_poly.pdbx_strand_id   A,B,C,D
#
loop_
_chem_comp.id
_chem_comp.type
_chem_comp.name
_chem_comp.formula
UDP RNA linking URIDINE-5'-DIPHOSPHATE 'C9 H14 N2 O12 P2'
#
# COMPACT_ATOMS: atom_id res chain seq x y z
N THR A 23 -23.39 -41.15 10.78
CA THR A 23 -22.81 -39.89 11.31
C THR A 23 -23.83 -38.84 10.99
N VAL A 24 -24.11 -37.94 11.93
CA VAL A 24 -24.89 -36.79 11.53
C VAL A 24 -23.94 -35.62 11.60
N LEU A 25 -23.84 -34.91 10.48
CA LEU A 25 -23.13 -33.65 10.48
C LEU A 25 -24.00 -32.68 11.25
N LYS A 26 -23.33 -31.91 12.09
CA LYS A 26 -23.98 -30.93 12.89
C LYS A 26 -24.19 -29.63 12.09
N ARG A 27 -25.45 -29.20 12.00
CA ARG A 27 -25.80 -27.91 11.46
CA ARG A 27 -25.80 -27.91 11.45
C ARG A 27 -25.18 -26.79 12.31
N ARG A 28 -24.43 -25.89 11.69
CA ARG A 28 -23.79 -24.76 12.47
C ARG A 28 -24.90 -23.82 12.97
N LYS A 29 -24.83 -23.51 14.25
CA LYS A 29 -25.91 -22.77 14.87
C LYS A 29 -26.02 -21.34 14.38
N LYS A 30 -27.26 -20.97 14.03
CA LYS A 30 -27.57 -19.63 13.61
C LYS A 30 -28.50 -18.94 14.61
N SER A 31 -29.37 -19.70 15.32
CA SER A 31 -30.31 -19.07 16.33
C SER A 31 -29.50 -18.33 17.33
N GLY A 32 -29.72 -17.01 17.48
CA GLY A 32 -28.91 -16.26 18.42
C GLY A 32 -27.58 -15.71 17.92
N TYR A 33 -27.15 -16.20 16.73
CA TYR A 33 -25.88 -15.81 16.08
C TYR A 33 -26.19 -15.21 14.71
N GLY A 34 -25.45 -15.59 13.68
CA GLY A 34 -25.81 -15.08 12.37
C GLY A 34 -24.74 -14.38 11.53
N TYR A 35 -23.53 -14.31 12.04
CA TYR A 35 -22.47 -13.64 11.29
C TYR A 35 -21.78 -14.66 10.35
N ILE A 36 -21.64 -14.28 9.09
CA ILE A 36 -20.81 -15.04 8.12
C ILE A 36 -19.68 -14.10 7.74
N PRO A 37 -18.43 -14.57 7.73
CA PRO A 37 -17.34 -13.68 7.36
C PRO A 37 -17.56 -13.00 6.02
N ASP A 38 -17.16 -11.73 5.91
CA ASP A 38 -17.33 -10.97 4.68
C ASP A 38 -16.41 -11.60 3.60
N ILE A 39 -16.92 -11.66 2.37
CA ILE A 39 -16.03 -11.80 1.15
C ILE A 39 -15.24 -10.50 1.08
N ALA A 40 -13.91 -10.58 0.84
CA ALA A 40 -13.13 -9.34 0.76
C ALA A 40 -13.37 -8.61 -0.57
N ASP A 41 -13.31 -7.29 -0.51
CA ASP A 41 -13.44 -6.47 -1.68
C ASP A 41 -12.28 -5.42 -1.54
N ILE A 42 -11.30 -5.45 -2.46
CA ILE A 42 -10.20 -4.44 -2.38
C ILE A 42 -10.75 -2.96 -2.51
N ARG A 43 -11.98 -2.72 -2.98
CA ARG A 43 -12.50 -1.33 -2.99
C ARG A 43 -12.90 -0.83 -1.61
N ASP A 44 -12.83 -1.70 -0.58
CA ASP A 44 -13.31 -1.31 0.76
C ASP A 44 -12.53 -0.10 1.32
N PHE A 45 -13.26 0.92 1.75
CA PHE A 45 -12.68 2.15 2.24
C PHE A 45 -12.00 1.79 3.53
N SER A 46 -10.89 2.50 3.80
CA SER A 46 -10.14 2.36 5.07
C SER A 46 -10.50 3.50 6.00
N TYR A 47 -10.87 3.14 7.23
CA TYR A 47 -11.09 4.17 8.28
C TYR A 47 -9.69 4.67 8.72
N THR A 48 -9.41 5.96 8.57
CA THR A 48 -8.07 6.40 8.84
C THR A 48 -8.13 7.33 10.01
N PRO A 49 -7.77 6.86 11.20
CA PRO A 49 -7.86 7.70 12.37
C PRO A 49 -6.81 8.81 12.26
N GLU A 50 -7.14 9.97 12.77
CA GLU A 50 -6.18 11.10 12.88
CA GLU A 50 -6.16 11.06 12.79
C GLU A 50 -4.95 10.68 13.68
N LYS A 51 -3.76 10.92 13.14
CA LYS A 51 -2.56 10.56 13.90
CA LYS A 51 -2.53 10.64 13.85
C LYS A 51 -2.53 11.23 15.27
N SER A 52 -3.12 12.41 15.40
CA SER A 52 -3.11 13.08 16.72
C SER A 52 -3.92 12.35 17.79
N VAL A 53 -4.95 11.67 17.32
CA VAL A 53 -5.85 10.91 18.20
C VAL A 53 -5.15 9.65 18.65
N ILE A 54 -4.56 8.94 17.70
CA ILE A 54 -3.77 7.71 18.02
C ILE A 54 -2.63 7.99 19.01
N ALA A 55 -1.99 9.12 18.81
CA ALA A 55 -0.88 9.50 19.70
C ALA A 55 -1.29 9.77 21.12
N ALA A 56 -2.56 10.12 21.32
CA ALA A 56 -3.06 10.58 22.59
C ALA A 56 -4.39 9.93 22.98
N LEU A 57 -4.38 8.59 23.05
CA LEU A 57 -5.59 7.84 23.43
C LEU A 57 -5.86 7.90 24.90
N PRO A 58 -7.13 8.15 25.28
CA PRO A 58 -7.48 8.12 26.69
C PRO A 58 -7.43 6.71 27.25
N PRO A 59 -7.33 6.59 28.59
CA PRO A 59 -7.31 5.26 29.15
C PRO A 59 -8.65 4.52 29.08
N LYS A 60 -9.77 5.24 28.95
CA LYS A 60 -11.09 4.63 29.05
C LYS A 60 -12.08 5.44 28.19
N VAL A 61 -12.85 4.71 27.39
CA VAL A 61 -13.98 5.31 26.63
C VAL A 61 -15.25 4.55 26.91
N ASP A 62 -16.36 5.27 27.15
CA ASP A 62 -17.62 4.56 27.40
C ASP A 62 -18.72 5.26 26.69
N LEU A 63 -19.03 4.76 25.49
CA LEU A 63 -20.07 5.39 24.64
C LEU A 63 -21.45 4.75 24.88
N THR A 64 -21.55 3.85 25.85
CA THR A 64 -22.85 3.12 26.03
C THR A 64 -24.01 4.12 25.89
N PRO A 65 -24.95 3.84 25.02
CA PRO A 65 -26.05 4.80 24.77
C PRO A 65 -27.23 4.54 25.75
N PRO A 66 -28.24 5.43 25.77
CA PRO A 66 -29.28 5.20 26.73
C PRO A 66 -30.27 4.12 26.31
N PHE A 67 -30.36 3.82 25.01
CA PHE A 67 -31.34 2.82 24.60
C PHE A 67 -30.90 1.42 25.00
N GLN A 68 -31.84 0.64 25.49
CA GLN A 68 -31.45 -0.65 26.06
C GLN A 68 -31.09 -1.62 24.93
N VAL A 69 -30.42 -2.68 25.32
CA VAL A 69 -30.14 -3.77 24.35
C VAL A 69 -31.41 -4.30 23.72
N TYR A 70 -31.26 -4.79 22.50
CA TYR A 70 -32.35 -5.58 21.92
C TYR A 70 -32.20 -7.03 22.24
N ASP A 71 -33.22 -7.82 21.86
CA ASP A 71 -33.08 -9.26 22.02
C ASP A 71 -33.36 -9.87 20.65
N GLN A 72 -32.35 -10.44 19.98
CA GLN A 72 -32.63 -10.95 18.62
C GLN A 72 -33.38 -12.24 18.64
N GLY A 73 -33.52 -12.85 19.82
CA GLY A 73 -34.23 -14.15 19.93
C GLY A 73 -33.64 -15.26 19.05
N ARG A 74 -34.55 -16.05 18.47
CA ARG A 74 -34.18 -17.38 18.01
C ARG A 74 -33.81 -17.43 16.54
N ILE A 75 -33.50 -16.29 15.96
CA ILE A 75 -33.04 -16.27 14.57
C ILE A 75 -31.59 -15.70 14.45
N GLY A 76 -31.05 -15.74 13.21
CA GLY A 76 -29.62 -15.43 12.95
C GLY A 76 -29.39 -14.00 12.50
N SER A 77 -30.02 -13.07 13.26
CA SER A 77 -30.11 -11.71 12.83
C SER A 77 -29.08 -10.82 13.50
N CYS A 78 -28.00 -11.40 14.02
CA CYS A 78 -27.04 -10.58 14.83
C CYS A 78 -26.48 -9.39 14.01
N THR A 79 -26.15 -9.61 12.71
CA THR A 79 -25.61 -8.51 11.94
C THR A 79 -26.66 -7.38 11.90
N ALA A 80 -27.97 -7.66 11.76
CA ALA A 80 -28.98 -6.60 11.68
C ALA A 80 -29.16 -5.92 13.03
N ASN A 81 -28.97 -6.70 14.09
CA ASN A 81 -29.07 -6.13 15.46
C ASN A 81 -27.93 -5.17 15.79
N ALA A 82 -26.70 -5.57 15.42
CA ALA A 82 -25.55 -4.73 15.60
C ALA A 82 -25.69 -3.46 14.74
N LEU A 83 -26.09 -3.61 13.46
CA LEU A 83 -26.20 -2.47 12.59
C LEU A 83 -27.38 -1.57 12.94
N ALA A 84 -28.52 -2.13 13.38
CA ALA A 84 -29.67 -1.32 13.88
C ALA A 84 -29.18 -0.39 14.96
N ALA A 85 -28.37 -0.92 15.87
CA ALA A 85 -27.84 -0.11 17.00
C ALA A 85 -26.85 0.98 16.51
N ALA A 86 -25.97 0.67 15.54
CA ALA A 86 -25.07 1.67 15.01
C ALA A 86 -25.90 2.83 14.45
N ILE A 87 -26.99 2.52 13.69
CA ILE A 87 -27.92 3.53 13.10
C ILE A 87 -28.60 4.31 14.24
N GLN A 88 -29.10 3.63 15.27
CA GLN A 88 -29.80 4.30 16.38
C GLN A 88 -28.85 5.21 17.11
N PHE A 89 -27.61 4.73 17.34
CA PHE A 89 -26.62 5.51 18.00
C PHE A 89 -26.28 6.77 17.22
N GLU A 90 -26.05 6.61 15.89
CA GLU A 90 -25.64 7.75 15.07
CA GLU A 90 -25.65 7.72 15.06
C GLU A 90 -26.73 8.82 15.03
N ARG A 91 -28.01 8.41 15.11
CA ARG A 91 -29.09 9.40 15.02
CA ARG A 91 -29.11 9.39 15.02
C ARG A 91 -29.10 10.25 16.26
N ILE A 92 -28.80 9.65 17.39
CA ILE A 92 -28.60 10.46 18.61
C ILE A 92 -27.50 11.48 18.40
N HIS A 93 -26.29 11.02 18.16
CA HIS A 93 -25.15 11.89 17.96
CA HIS A 93 -25.12 11.88 17.93
C HIS A 93 -25.32 12.92 16.83
N ASP A 94 -26.03 12.57 15.78
CA ASP A 94 -26.31 13.51 14.72
C ASP A 94 -27.51 14.40 15.11
N LYS A 95 -27.99 14.28 16.36
CA LYS A 95 -29.12 15.10 16.86
C LYS A 95 -30.37 14.96 15.97
N GLN A 96 -30.63 13.73 15.52
CA GLN A 96 -31.79 13.42 14.64
C GLN A 96 -32.99 12.95 15.46
N SER A 97 -34.20 13.40 15.10
CA SER A 97 -35.38 12.97 15.87
C SER A 97 -36.53 12.63 14.93
N PRO A 98 -37.50 11.81 15.37
CA PRO A 98 -37.57 11.14 16.69
C PRO A 98 -36.56 9.98 16.80
N GLU A 99 -36.35 9.55 18.02
CA GLU A 99 -35.64 8.32 18.23
C GLU A 99 -36.57 7.12 17.91
N PHE A 100 -36.09 6.19 17.10
CA PHE A 100 -36.82 4.93 16.93
C PHE A 100 -35.82 3.81 16.87
N ILE A 101 -36.26 2.58 17.17
CA ILE A 101 -35.44 1.38 16.93
C ILE A 101 -35.57 1.11 15.41
N PRO A 102 -34.44 1.03 14.69
CA PRO A 102 -34.52 0.68 13.26
C PRO A 102 -35.03 -0.76 13.07
N SER A 103 -35.82 -0.98 12.02
CA SER A 103 -36.34 -2.34 11.70
C SER A 103 -35.26 -3.39 11.39
N ARG A 104 -35.02 -4.27 12.35
CA ARG A 104 -33.99 -5.33 12.22
C ARG A 104 -34.38 -6.33 11.17
N LEU A 105 -35.67 -6.66 11.08
CA LEU A 105 -36.06 -7.65 10.05
C LEU A 105 -36.00 -7.04 8.66
N PHE A 106 -36.25 -5.70 8.55
CA PHE A 106 -36.05 -5.06 7.25
C PHE A 106 -34.55 -5.24 6.79
N ILE A 107 -33.62 -5.01 7.68
CA ILE A 107 -32.22 -5.23 7.33
C ILE A 107 -32.00 -6.69 6.96
N TYR A 108 -32.44 -7.59 7.83
CA TYR A 108 -32.13 -9.04 7.68
C TYR A 108 -32.77 -9.59 6.39
N TYR A 109 -33.98 -9.15 6.05
CA TYR A 109 -34.65 -9.66 4.83
C TYR A 109 -33.82 -9.22 3.61
N ASN A 110 -33.43 -7.94 3.55
CA ASN A 110 -32.70 -7.49 2.45
C ASN A 110 -31.28 -8.03 2.37
N GLU A 111 -30.63 -8.29 3.51
CA GLU A 111 -29.31 -8.94 3.44
C GLU A 111 -29.44 -10.29 2.71
N ARG A 112 -30.49 -11.03 2.94
CA ARG A 112 -30.63 -12.41 2.39
C ARG A 112 -31.09 -12.37 0.90
N LYS A 113 -31.43 -11.19 0.40
CA LYS A 113 -31.57 -10.97 -1.09
C LYS A 113 -30.22 -10.92 -1.75
N ILE A 114 -29.17 -10.55 -1.03
CA ILE A 114 -27.83 -10.50 -1.59
C ILE A 114 -27.09 -11.85 -1.47
N GLU A 115 -27.12 -12.39 -0.24
CA GLU A 115 -26.42 -13.64 0.07
C GLU A 115 -27.27 -14.41 1.10
N GLY A 116 -27.42 -15.70 0.91
CA GLY A 116 -28.34 -16.53 1.72
C GLY A 116 -29.67 -16.53 0.97
N HIS A 117 -30.73 -16.68 1.72
CA HIS A 117 -32.08 -16.76 1.10
C HIS A 117 -33.11 -16.36 2.15
N VAL A 118 -34.13 -15.60 1.71
CA VAL A 118 -35.09 -15.04 2.65
C VAL A 118 -35.95 -16.13 3.29
N ASN A 119 -36.02 -17.30 2.68
CA ASN A 119 -36.83 -18.36 3.28
C ASN A 119 -36.09 -19.23 4.33
N TYR A 120 -34.78 -18.96 4.60
CA TYR A 120 -33.96 -19.76 5.48
CA TYR A 120 -34.10 -19.74 5.65
C TYR A 120 -33.23 -18.84 6.49
N ASP A 121 -32.84 -19.36 7.66
CA ASP A 121 -32.19 -18.51 8.65
C ASP A 121 -30.68 -18.65 8.34
N SER A 122 -30.23 -17.97 7.28
CA SER A 122 -28.91 -18.20 6.79
C SER A 122 -27.87 -17.37 7.51
N GLY A 123 -28.29 -16.35 8.27
CA GLY A 123 -27.32 -15.35 8.76
C GLY A 123 -26.91 -14.44 7.55
N ALA A 124 -25.88 -13.62 7.74
CA ALA A 124 -25.52 -12.61 6.77
C ALA A 124 -24.10 -12.09 7.02
N MET A 125 -23.50 -11.49 5.98
CA MET A 125 -22.24 -10.81 6.10
C MET A 125 -22.57 -9.38 6.52
N ILE A 126 -21.78 -8.86 7.44
CA ILE A 126 -21.85 -7.41 7.82
C ILE A 126 -21.84 -6.49 6.62
N ARG A 127 -20.98 -6.82 5.67
CA ARG A 127 -20.85 -5.94 4.52
C ARG A 127 -22.17 -5.85 3.73
N ASP A 128 -22.97 -6.90 3.79
CA ASP A 128 -24.24 -6.90 3.07
C ASP A 128 -25.34 -6.14 3.85
N GLY A 129 -25.30 -6.23 5.19
CA GLY A 129 -26.17 -5.36 6.01
C GLY A 129 -25.82 -3.90 5.72
N ILE A 130 -24.53 -3.59 5.62
CA ILE A 130 -24.10 -2.23 5.29
C ILE A 130 -24.54 -1.78 3.90
N LYS A 131 -24.43 -2.67 2.91
CA LYS A 131 -24.98 -2.39 1.60
C LYS A 131 -26.48 -2.03 1.63
N VAL A 132 -27.30 -2.81 2.36
CA VAL A 132 -28.70 -2.51 2.58
C VAL A 132 -28.85 -1.09 3.14
N LEU A 133 -28.11 -0.77 4.21
CA LEU A 133 -28.20 0.59 4.75
C LEU A 133 -27.82 1.69 3.76
N HIS A 134 -26.86 1.43 2.89
CA HIS A 134 -26.35 2.43 1.95
C HIS A 134 -27.33 2.67 0.80
N LYS A 135 -27.83 1.58 0.21
CA LYS A 135 -28.68 1.63 -0.97
C LYS A 135 -30.18 1.70 -0.69
N LEU A 136 -30.67 1.07 0.39
CA LEU A 136 -32.08 1.01 0.71
CA LEU A 136 -32.11 1.04 0.69
C LEU A 136 -32.41 1.84 1.96
N GLY A 137 -31.43 1.96 2.90
CA GLY A 137 -31.79 2.56 4.20
C GLY A 137 -32.39 1.54 5.15
N VAL A 138 -33.23 2.00 6.07
CA VAL A 138 -33.96 1.14 7.00
C VAL A 138 -35.14 1.92 7.53
N CYS A 139 -36.28 1.25 7.61
CA CYS A 139 -37.51 1.90 8.16
C CYS A 139 -37.58 1.70 9.67
N PRO A 140 -38.44 2.46 10.37
CA PRO A 140 -38.61 2.22 11.77
C PRO A 140 -39.17 0.82 12.11
N GLU A 141 -38.77 0.25 13.24
CA GLU A 141 -39.22 -1.06 13.59
C GLU A 141 -40.75 -1.09 13.77
N LYS A 142 -41.37 0.00 14.21
CA LYS A 142 -42.85 0.00 14.30
C LYS A 142 -43.55 -0.29 13.02
N GLU A 143 -42.98 0.15 11.90
CA GLU A 143 -43.52 -0.06 10.57
CA GLU A 143 -43.52 -0.06 10.57
C GLU A 143 -43.25 -1.49 10.05
N TRP A 144 -42.19 -2.13 10.58
CA TRP A 144 -41.85 -3.52 10.16
C TRP A 144 -41.32 -4.25 11.39
N PRO A 145 -42.25 -4.70 12.23
CA PRO A 145 -41.85 -5.08 13.59
C PRO A 145 -41.13 -6.41 13.65
N TYR A 146 -40.39 -6.61 14.73
CA TYR A 146 -39.59 -7.82 14.92
C TYR A 146 -40.38 -9.03 15.36
N GLY A 147 -40.09 -10.22 14.82
CA GLY A 147 -40.75 -11.43 15.29
C GLY A 147 -39.70 -12.51 15.08
N ASP A 148 -39.37 -13.24 16.14
CA ASP A 148 -38.22 -14.18 16.08
C ASP A 148 -38.66 -15.65 15.85
N THR A 149 -39.85 -15.89 15.26
CA THR A 149 -40.21 -17.27 14.89
C THR A 149 -39.04 -17.92 14.16
N PRO A 150 -38.55 -19.07 14.66
CA PRO A 150 -37.32 -19.62 14.07
C PRO A 150 -37.60 -20.54 12.88
N ALA A 151 -36.55 -20.93 12.19
CA ALA A 151 -36.65 -22.00 11.20
C ALA A 151 -37.20 -23.23 11.82
N ASP A 152 -38.10 -23.93 11.09
CA ASP A 152 -38.52 -25.25 11.52
C ASP A 152 -37.36 -26.28 11.64
N PRO A 153 -37.27 -26.96 12.78
CA PRO A 153 -36.07 -27.79 12.97
C PRO A 153 -35.99 -28.96 12.00
N ARG A 154 -37.13 -29.51 11.57
CA ARG A 154 -37.00 -30.59 10.58
C ARG A 154 -36.61 -30.11 9.18
N THR A 155 -37.26 -29.07 8.69
CA THR A 155 -36.99 -28.64 7.31
C THR A 155 -35.85 -27.61 7.21
N GLU A 156 -35.52 -27.02 8.35
CA GLU A 156 -34.58 -25.89 8.50
C GLU A 156 -34.93 -24.70 7.58
N GLU A 157 -36.23 -24.58 7.31
CA GLU A 157 -36.80 -23.47 6.56
C GLU A 157 -37.74 -22.69 7.46
N PHE A 158 -37.82 -21.38 7.28
CA PHE A 158 -38.86 -20.67 7.99
C PHE A 158 -40.27 -21.23 7.66
N PRO A 159 -41.08 -21.39 8.70
CA PRO A 159 -42.43 -21.87 8.46
C PRO A 159 -43.23 -20.77 7.84
N PRO A 160 -44.34 -21.16 7.20
CA PRO A 160 -45.20 -20.16 6.60
C PRO A 160 -45.65 -19.15 7.69
N GLY A 161 -45.69 -17.89 7.28
CA GLY A 161 -45.98 -16.77 8.18
C GLY A 161 -44.87 -16.22 9.03
N ALA A 162 -43.66 -16.82 9.00
CA ALA A 162 -42.60 -16.35 9.91
C ALA A 162 -42.30 -14.94 9.51
N PRO A 163 -42.31 -14.02 10.50
CA PRO A 163 -42.00 -12.64 10.22
C PRO A 163 -40.68 -12.46 9.48
N ALA A 164 -39.64 -13.28 9.79
CA ALA A 164 -38.34 -13.12 9.09
C ALA A 164 -38.35 -13.37 7.59
N SER A 165 -39.29 -14.19 7.14
CA SER A 165 -39.31 -14.49 5.66
C SER A 165 -40.31 -13.64 4.88
N LYS A 166 -41.06 -12.77 5.58
CA LYS A 166 -41.99 -11.85 4.90
C LYS A 166 -41.33 -10.63 4.23
N LYS A 167 -41.74 -10.33 2.99
CA LYS A 167 -41.20 -9.21 2.26
C LYS A 167 -41.80 -7.90 2.87
N PRO A 168 -40.97 -6.95 3.26
CA PRO A 168 -41.51 -5.67 3.76
C PRO A 168 -42.33 -4.95 2.66
N SER A 169 -43.34 -4.25 3.16
CA SER A 169 -44.27 -3.58 2.29
C SER A 169 -43.62 -2.51 1.47
N ASP A 170 -44.28 -2.16 0.37
CA ASP A 170 -43.78 -1.07 -0.46
C ASP A 170 -43.57 0.21 0.35
N GLN A 171 -44.46 0.44 1.32
CA GLN A 171 -44.39 1.68 2.16
C GLN A 171 -43.11 1.65 3.03
N CYS A 172 -42.76 0.46 3.52
CA CYS A 172 -41.50 0.25 4.27
C CYS A 172 -40.29 0.61 3.45
N TYR A 173 -40.20 0.10 2.21
CA TYR A 173 -39.11 0.48 1.35
C TYR A 173 -39.01 1.97 1.07
N LYS A 174 -40.18 2.62 0.84
CA LYS A 174 -40.14 4.05 0.57
C LYS A 174 -39.65 4.81 1.81
N ASP A 175 -40.21 4.53 2.98
CA ASP A 175 -39.79 5.23 4.21
C ASP A 175 -38.30 4.93 4.53
N ALA A 176 -37.85 3.70 4.27
CA ALA A 176 -36.47 3.37 4.60
C ALA A 176 -35.47 4.27 3.92
N GLN A 177 -35.80 4.75 2.71
CA GLN A 177 -34.95 5.66 1.94
CA GLN A 177 -34.94 5.64 1.93
C GLN A 177 -34.59 6.95 2.66
N ASN A 178 -35.38 7.31 3.64
CA ASN A 178 -35.09 8.55 4.41
C ASN A 178 -33.95 8.41 5.41
N TYR A 179 -33.49 7.16 5.60
CA TYR A 179 -32.51 6.84 6.61
C TYR A 179 -31.22 6.15 6.07
N LYS A 180 -30.94 6.26 4.77
CA LYS A 180 -29.70 5.68 4.19
C LYS A 180 -28.50 6.23 4.84
N ILE A 181 -27.48 5.39 4.98
CA ILE A 181 -26.16 5.86 5.31
C ILE A 181 -25.49 6.50 4.07
N THR A 182 -24.43 7.30 4.29
CA THR A 182 -23.67 7.84 3.13
C THR A 182 -22.28 7.22 2.86
N GLU A 183 -21.68 6.68 3.90
CA GLU A 183 -20.38 6.09 3.77
CA GLU A 183 -20.34 6.13 3.84
C GLU A 183 -20.15 5.02 4.83
N TYR A 184 -19.22 4.11 4.51
CA TYR A 184 -18.77 3.07 5.45
C TYR A 184 -17.34 2.71 5.18
N SER A 185 -16.61 2.37 6.23
CA SER A 185 -15.19 2.04 6.08
CA SER A 185 -15.16 2.11 6.14
C SER A 185 -14.75 1.00 7.08
N ARG A 186 -13.75 0.21 6.70
CA ARG A 186 -13.18 -0.77 7.62
C ARG A 186 -12.12 -0.23 8.56
N VAL A 187 -12.22 -0.63 9.80
CA VAL A 187 -11.20 -0.33 10.80
C VAL A 187 -10.21 -1.44 10.88
N ALA A 188 -8.92 -1.05 10.90
CA ALA A 188 -7.84 -2.00 10.97
C ALA A 188 -7.92 -2.75 12.25
N GLN A 189 -7.61 -4.03 12.18
CA GLN A 189 -7.67 -4.81 13.41
C GLN A 189 -6.37 -4.61 14.18
N ASP A 190 -6.35 -3.50 14.89
CA ASP A 190 -5.15 -3.00 15.54
C ASP A 190 -5.76 -2.32 16.72
N ILE A 191 -5.30 -2.64 17.93
CA ILE A 191 -5.98 -2.13 19.16
C ILE A 191 -6.04 -0.59 19.17
N ASP A 192 -4.96 0.05 18.73
CA ASP A 192 -4.95 1.52 18.80
C ASP A 192 -5.91 2.14 17.78
N HIS A 193 -6.15 1.45 16.69
CA HIS A 193 -7.12 1.94 15.71
C HIS A 193 -8.55 1.76 16.22
N LEU A 194 -8.82 0.61 16.85
CA LEU A 194 -10.14 0.40 17.49
C LEU A 194 -10.33 1.42 18.61
N LYS A 195 -9.26 1.69 19.36
CA LYS A 195 -9.44 2.67 20.46
C LYS A 195 -9.66 4.06 19.87
N ALA A 196 -8.93 4.42 18.81
CA ALA A 196 -9.02 5.77 18.24
C ALA A 196 -10.42 6.00 17.69
N CYS A 197 -10.99 4.94 17.09
CA CYS A 197 -12.36 5.05 16.57
C CYS A 197 -13.33 5.43 17.73
N LEU A 198 -13.23 4.67 18.83
CA LEU A 198 -14.11 4.92 19.96
C LEU A 198 -13.80 6.30 20.62
N ALA A 199 -12.52 6.62 20.66
CA ALA A 199 -12.09 7.90 21.25
C ALA A 199 -12.70 9.17 20.64
N VAL A 200 -13.01 9.13 19.36
CA VAL A 200 -13.60 10.28 18.72
C VAL A 200 -15.11 10.16 18.77
N GLY A 201 -15.59 9.12 19.46
CA GLY A 201 -17.06 8.95 19.63
C GLY A 201 -17.80 8.10 18.63
N SER A 202 -17.06 7.27 17.89
CA SER A 202 -17.68 6.37 16.91
C SER A 202 -17.64 4.89 17.35
N PRO A 203 -18.78 4.27 17.54
CA PRO A 203 -18.84 2.81 17.75
C PRO A 203 -18.48 2.09 16.44
N PHE A 204 -18.16 0.78 16.58
CA PHE A 204 -17.98 -0.01 15.33
C PHE A 204 -18.62 -1.37 15.53
N VAL A 205 -18.98 -1.98 14.41
CA VAL A 205 -19.52 -3.34 14.43
CA VAL A 205 -19.56 -3.30 14.36
C VAL A 205 -18.43 -4.26 13.98
N PHE A 206 -18.45 -5.47 14.55
CA PHE A 206 -17.52 -6.50 14.12
C PHE A 206 -18.06 -7.86 14.40
N GLY A 207 -17.38 -8.85 13.82
CA GLY A 207 -17.83 -10.24 13.86
C GLY A 207 -16.82 -11.04 14.69
N PHE A 208 -17.24 -12.07 15.39
CA PHE A 208 -16.25 -12.87 16.04
C PHE A 208 -16.71 -14.34 16.20
N SER A 209 -15.75 -15.22 16.44
CA SER A 209 -16.13 -16.62 16.73
C SER A 209 -16.46 -16.75 18.18
N VAL A 210 -17.51 -17.51 18.43
CA VAL A 210 -18.02 -17.77 19.81
C VAL A 210 -17.68 -19.18 20.24
N TYR A 211 -17.13 -19.37 21.48
CA TYR A 211 -16.70 -20.71 21.93
C TYR A 211 -17.53 -21.10 23.18
N ASN A 212 -17.56 -22.42 23.44
CA ASN A 212 -18.37 -22.92 24.57
C ASN A 212 -17.82 -22.38 25.93
N SER A 213 -16.60 -21.86 25.94
CA SER A 213 -16.05 -21.33 27.24
C SER A 213 -16.79 -20.06 27.69
N TRP A 214 -17.45 -19.38 26.75
CA TRP A 214 -18.33 -18.24 27.11
C TRP A 214 -19.83 -18.69 27.20
N VAL A 215 -20.34 -19.42 26.17
CA VAL A 215 -21.77 -19.64 26.06
C VAL A 215 -22.22 -20.97 26.56
N GLY A 216 -21.28 -21.82 26.95
CA GLY A 216 -21.65 -23.22 27.33
C GLY A 216 -22.50 -23.22 28.61
N ASN A 217 -23.57 -24.03 28.57
CA ASN A 217 -24.61 -24.10 29.59
C ASN A 217 -25.30 -22.75 29.87
N ASN A 218 -25.25 -21.81 28.89
CA ASN A 218 -25.63 -20.45 29.07
C ASN A 218 -25.03 -19.77 30.31
N SER A 219 -23.80 -20.17 30.63
CA SER A 219 -23.09 -19.61 31.80
C SER A 219 -22.86 -18.12 31.57
N LEU A 220 -22.38 -17.78 30.37
CA LEU A 220 -22.35 -16.34 29.96
C LEU A 220 -21.70 -15.35 31.00
N PRO A 221 -20.45 -15.62 31.38
CA PRO A 221 -19.84 -14.58 32.24
C PRO A 221 -19.75 -13.23 31.57
N VAL A 222 -19.75 -12.17 32.41
CA VAL A 222 -19.69 -10.80 31.85
C VAL A 222 -18.37 -10.63 31.08
N ARG A 223 -17.28 -11.10 31.65
CA ARG A 223 -16.04 -11.14 30.93
C ARG A 223 -15.90 -12.39 30.05
N ILE A 224 -15.73 -12.19 28.75
CA ILE A 224 -15.58 -13.31 27.83
C ILE A 224 -14.17 -13.91 28.01
N PRO A 225 -14.09 -15.23 28.30
CA PRO A 225 -12.74 -15.86 28.48
C PRO A 225 -12.10 -15.91 27.16
N LEU A 226 -10.78 -15.77 27.16
CA LEU A 226 -9.97 -16.09 25.99
C LEU A 226 -10.03 -17.58 25.65
N PRO A 227 -10.36 -17.91 24.38
CA PRO A 227 -10.57 -19.31 24.06
C PRO A 227 -9.23 -20.03 24.06
N THR A 228 -9.31 -21.33 24.33
CA THR A 228 -8.19 -22.24 24.18
C THR A 228 -8.56 -23.36 23.23
N LYS A 229 -7.54 -24.10 22.82
CA LYS A 229 -7.76 -25.17 21.83
C LYS A 229 -8.54 -26.37 22.44
N ASN A 230 -8.79 -26.36 23.76
CA ASN A 230 -9.68 -27.31 24.36
C ASN A 230 -11.17 -26.95 24.26
N ASP A 231 -11.44 -25.71 23.85
CA ASP A 231 -12.81 -25.25 23.79
C ASP A 231 -13.44 -25.72 22.49
N THR A 232 -14.72 -25.52 22.33
CA THR A 232 -15.38 -25.81 21.01
CA THR A 232 -15.39 -25.80 21.02
C THR A 232 -15.98 -24.55 20.34
N LEU A 233 -15.76 -24.41 19.04
CA LEU A 233 -16.41 -23.36 18.27
C LEU A 233 -17.90 -23.61 18.19
N GLU A 234 -18.69 -22.65 18.62
CA GLU A 234 -20.17 -22.72 18.54
C GLU A 234 -20.84 -21.91 17.41
N GLY A 235 -20.18 -20.85 16.98
CA GLY A 235 -20.85 -20.07 15.90
C GLY A 235 -20.15 -18.73 15.70
N GLY A 236 -20.66 -17.96 14.75
CA GLY A 236 -20.18 -16.64 14.38
C GLY A 236 -21.19 -15.59 14.82
N HIS A 237 -20.71 -14.61 15.58
CA HIS A 237 -21.61 -13.58 16.13
C HIS A 237 -21.14 -12.21 15.68
N ALA A 238 -22.00 -11.19 15.77
CA ALA A 238 -21.57 -9.80 15.42
C ALA A 238 -22.27 -8.89 16.40
N VAL A 239 -21.50 -7.88 16.84
CA VAL A 239 -22.04 -6.96 17.89
C VAL A 239 -21.55 -5.57 17.60
N LEU A 240 -22.11 -4.60 18.33
CA LEU A 240 -21.62 -3.21 18.32
C LEU A 240 -20.64 -3.03 19.52
N CYS A 241 -19.44 -2.50 19.26
CA CYS A 241 -18.52 -2.20 20.34
C CYS A 241 -18.67 -0.73 20.76
N VAL A 242 -18.73 -0.48 22.06
CA VAL A 242 -19.07 0.90 22.48
C VAL A 242 -18.07 1.46 23.41
N GLY A 243 -16.94 0.84 23.61
CA GLY A 243 -15.98 1.38 24.60
C GLY A 243 -14.85 0.46 24.95
N TYR A 244 -13.90 0.96 25.76
CA TYR A 244 -12.80 0.13 26.24
C TYR A 244 -12.29 0.64 27.60
N ASP A 245 -11.55 -0.20 28.31
CA ASP A 245 -11.04 0.21 29.61
C ASP A 245 -9.68 -0.37 29.77
N ASP A 246 -8.64 0.47 29.65
CA ASP A 246 -7.24 0.00 29.93
C ASP A 246 -7.07 -0.58 31.32
N GLU A 247 -7.91 -0.20 32.31
CA GLU A 247 -7.76 -0.71 33.69
C GLU A 247 -7.89 -2.22 33.71
N ILE A 248 -8.80 -2.75 32.85
CA ILE A 248 -9.01 -4.19 32.82
C ILE A 248 -8.65 -4.80 31.41
N ARG A 249 -8.21 -3.97 30.46
CA ARG A 249 -7.80 -4.40 29.10
C ARG A 249 -8.93 -5.25 28.48
N HIS A 250 -10.12 -4.67 28.53
CA HIS A 250 -11.32 -5.23 27.77
C HIS A 250 -12.00 -4.12 26.99
N PHE A 251 -12.59 -4.46 25.84
CA PHE A 251 -13.53 -3.64 25.07
C PHE A 251 -14.94 -3.98 25.52
N ARG A 252 -15.78 -2.94 25.55
CA ARG A 252 -17.18 -3.13 25.98
C ARG A 252 -18.05 -3.39 24.77
N ILE A 253 -18.81 -4.48 24.83
CA ILE A 253 -19.67 -4.87 23.69
C ILE A 253 -21.15 -4.87 24.08
N ARG A 254 -21.99 -4.31 23.21
CA ARG A 254 -23.46 -4.38 23.29
C ARG A 254 -23.86 -5.63 22.64
N ASN A 255 -24.41 -6.57 23.43
CA ASN A 255 -24.89 -7.85 22.84
C ASN A 255 -26.40 -7.67 22.47
N SER A 256 -27.02 -8.66 21.83
CA SER A 256 -28.39 -8.60 21.35
C SER A 256 -29.13 -9.83 21.88
N TRP A 257 -28.87 -10.17 23.13
CA TRP A 257 -29.49 -11.37 23.79
C TRP A 257 -30.35 -10.91 24.96
N GLY A 258 -30.87 -9.70 24.87
CA GLY A 258 -31.71 -9.17 26.00
C GLY A 258 -30.92 -8.63 27.19
N ASN A 259 -31.65 -8.03 28.15
CA ASN A 259 -30.96 -7.38 29.29
C ASN A 259 -30.81 -8.22 30.56
N ASN A 260 -31.14 -9.52 30.46
CA ASN A 260 -31.03 -10.40 31.61
C ASN A 260 -29.80 -11.28 31.52
N VAL A 261 -28.91 -10.95 30.58
CA VAL A 261 -27.58 -11.58 30.58
C VAL A 261 -26.48 -10.50 30.63
N GLY A 262 -25.27 -10.86 31.00
CA GLY A 262 -24.13 -9.89 31.09
C GLY A 262 -24.53 -8.83 32.12
N GLU A 263 -24.15 -7.57 31.84
CA GLU A 263 -24.48 -6.37 32.66
C GLU A 263 -25.46 -5.60 31.79
N ASP A 264 -26.75 -5.84 32.03
CA ASP A 264 -27.83 -5.24 31.25
CA ASP A 264 -27.83 -5.24 31.27
C ASP A 264 -27.65 -5.50 29.78
N GLY A 265 -27.15 -6.69 29.47
CA GLY A 265 -27.01 -7.03 28.04
C GLY A 265 -25.64 -6.73 27.48
N TYR A 266 -24.76 -6.07 28.24
CA TYR A 266 -23.41 -5.74 27.79
C TYR A 266 -22.33 -6.72 28.37
N PHE A 267 -21.23 -6.85 27.65
CA PHE A 267 -20.12 -7.74 28.05
C PHE A 267 -18.78 -7.06 27.84
N TRP A 268 -17.73 -7.68 28.36
CA TRP A 268 -16.36 -7.23 28.20
C TRP A 268 -15.59 -8.27 27.45
N MET A 269 -14.90 -7.83 26.38
CA MET A 269 -14.11 -8.70 25.53
C MET A 269 -12.62 -8.35 25.72
N PRO A 270 -11.76 -9.32 26.03
CA PRO A 270 -10.32 -8.99 26.26
C PRO A 270 -9.64 -8.39 25.03
N TYR A 271 -8.69 -7.47 25.25
CA TYR A 271 -7.87 -6.99 24.17
C TYR A 271 -7.26 -8.08 23.30
N GLU A 272 -6.83 -9.18 23.93
CA GLU A 272 -6.16 -10.29 23.18
C GLU A 272 -7.19 -11.07 22.33
N TYR A 273 -8.45 -10.95 22.66
CA TYR A 273 -9.48 -11.64 21.90
C TYR A 273 -9.76 -10.80 20.64
N ILE A 274 -10.13 -9.53 20.83
CA ILE A 274 -10.51 -8.72 19.69
C ILE A 274 -9.40 -8.50 18.65
N SER A 275 -8.14 -8.52 19.10
CA SER A 275 -7.02 -8.25 18.22
C SER A 275 -6.51 -9.51 17.53
N ASN A 276 -7.05 -10.69 17.88
CA ASN A 276 -6.67 -11.95 17.25
C ASN A 276 -7.39 -12.16 15.91
N THR A 277 -6.63 -12.20 14.79
CA THR A 277 -7.22 -12.36 13.47
C THR A 277 -7.94 -13.69 13.30
N GLN A 278 -7.67 -14.67 14.19
CA GLN A 278 -8.33 -15.97 14.21
CA GLN A 278 -8.44 -15.96 14.08
C GLN A 278 -9.60 -16.01 15.08
N LEU A 279 -9.91 -14.87 15.70
CA LEU A 279 -11.05 -14.78 16.62
C LEU A 279 -12.04 -13.70 16.26
N ALA A 280 -11.57 -12.60 15.68
CA ALA A 280 -12.52 -11.50 15.34
C ALA A 280 -12.15 -10.97 13.98
N ASP A 281 -13.06 -10.35 13.26
CA ASP A 281 -12.72 -9.79 11.97
C ASP A 281 -13.86 -8.83 11.59
N ASP A 282 -13.75 -8.16 10.44
CA ASP A 282 -14.84 -7.42 9.81
C ASP A 282 -15.35 -6.28 10.69
N PHE A 283 -14.38 -5.44 11.04
CA PHE A 283 -14.62 -4.23 11.85
C PHE A 283 -15.04 -3.10 10.90
N TRP A 284 -16.23 -2.54 11.07
CA TRP A 284 -16.79 -1.50 10.13
C TRP A 284 -17.40 -0.37 10.93
N VAL A 285 -17.25 0.82 10.34
CA VAL A 285 -17.86 2.10 10.85
CA VAL A 285 -17.91 2.03 10.88
C VAL A 285 -18.79 2.61 9.78
N ILE A 286 -19.96 3.11 10.18
CA ILE A 286 -20.84 3.70 9.25
C ILE A 286 -20.99 5.20 9.58
N LYS A 287 -21.37 5.95 8.57
CA LYS A 287 -21.68 7.38 8.76
C LYS A 287 -22.78 7.83 7.86
N THR A 288 -23.56 8.79 8.34
CA THR A 288 -24.56 9.49 7.52
C THR A 288 -24.21 11.00 7.55
N VAL A 289 -23.83 11.54 6.38
CA VAL A 289 -23.31 12.90 6.29
C VAL A 289 -24.39 13.77 5.62
N ARG A 290 -25.05 14.66 6.43
CA ARG A 290 -25.79 15.90 5.97
C ARG A 290 -27.10 15.75 5.14
N VAL B 24 -33.19 -3.11 -6.76
CA VAL B 24 -32.07 -2.21 -6.41
C VAL B 24 -30.79 -3.00 -5.94
N LEU B 25 -30.96 -4.04 -5.12
CA LEU B 25 -29.85 -4.90 -4.67
C LEU B 25 -29.60 -6.02 -5.65
N LYS B 26 -28.32 -6.35 -5.80
CA LYS B 26 -27.89 -7.42 -6.73
C LYS B 26 -27.63 -8.71 -5.95
N ARG B 27 -28.17 -9.82 -6.41
CA ARG B 27 -27.82 -11.07 -5.76
C ARG B 27 -26.36 -11.44 -6.06
N ARG B 28 -25.55 -11.77 -5.06
CA ARG B 28 -24.16 -12.18 -5.33
C ARG B 28 -24.09 -13.50 -6.09
N LYS B 29 -23.35 -13.50 -7.22
CA LYS B 29 -23.37 -14.65 -8.12
C LYS B 29 -22.77 -15.88 -7.43
N LYS B 30 -23.45 -17.02 -7.63
CA LYS B 30 -23.02 -18.33 -7.13
C LYS B 30 -22.70 -19.27 -8.27
N SER B 31 -23.47 -19.16 -9.35
CA SER B 31 -23.21 -19.99 -10.57
C SER B 31 -21.71 -19.87 -11.06
N GLY B 32 -20.95 -20.99 -11.19
CA GLY B 32 -19.55 -20.88 -11.48
C GLY B 32 -18.53 -20.57 -10.38
N TYR B 33 -19.09 -20.20 -9.20
CA TYR B 33 -18.32 -19.82 -8.04
C TYR B 33 -18.80 -20.69 -6.85
N GLY B 34 -18.96 -20.08 -5.66
CA GLY B 34 -19.45 -20.91 -4.56
C GLY B 34 -18.58 -20.92 -3.29
N TYR B 35 -17.53 -20.13 -3.20
CA TYR B 35 -16.75 -20.08 -1.97
C TYR B 35 -17.26 -19.03 -1.00
N ILE B 36 -17.41 -19.43 0.26
CA ILE B 36 -17.81 -18.50 1.41
C ILE B 36 -16.58 -18.56 2.33
N PRO B 37 -15.98 -17.41 2.73
CA PRO B 37 -14.80 -17.50 3.60
C PRO B 37 -15.09 -18.30 4.88
N ASP B 38 -14.09 -19.02 5.30
CA ASP B 38 -14.25 -19.91 6.49
C ASP B 38 -14.54 -19.03 7.71
N ILE B 39 -15.46 -19.48 8.55
CA ILE B 39 -15.36 -19.09 10.02
C ILE B 39 -14.02 -19.64 10.61
N ALA B 40 -13.29 -18.80 11.37
CA ALA B 40 -11.96 -19.13 11.89
C ALA B 40 -12.18 -20.01 13.15
N ASP B 41 -11.32 -21.00 13.36
CA ASP B 41 -11.41 -21.92 14.51
C ASP B 41 -9.95 -22.02 14.96
N ILE B 42 -9.66 -21.58 16.20
CA ILE B 42 -8.26 -21.61 16.67
C ILE B 42 -7.66 -23.03 16.79
N ARG B 43 -8.52 -24.05 16.74
CA ARG B 43 -8.13 -25.45 16.79
C ARG B 43 -7.51 -25.87 15.41
N ASP B 44 -7.64 -25.04 14.38
CA ASP B 44 -7.25 -25.54 13.07
C ASP B 44 -5.76 -25.87 13.06
N PHE B 45 -5.44 -27.07 12.58
CA PHE B 45 -4.04 -27.52 12.51
C PHE B 45 -3.21 -26.59 11.59
N SER B 46 -1.91 -26.37 11.86
CA SER B 46 -1.06 -25.64 10.90
C SER B 46 -0.17 -26.60 10.13
N TYR B 47 -0.13 -26.41 8.82
CA TYR B 47 0.85 -27.11 8.02
C TYR B 47 2.17 -26.41 8.27
N THR B 48 3.14 -27.18 8.72
CA THR B 48 4.45 -26.61 9.01
C THR B 48 5.51 -27.20 8.06
N PRO B 49 6.02 -26.41 7.10
CA PRO B 49 7.04 -26.96 6.19
C PRO B 49 8.36 -27.22 6.94
N GLU B 50 9.12 -28.24 6.52
CA GLU B 50 10.53 -28.36 6.93
C GLU B 50 11.28 -27.10 6.53
N LYS B 51 12.04 -26.52 7.48
CA LYS B 51 12.79 -25.26 7.22
C LYS B 51 13.86 -25.40 6.11
N SER B 52 14.28 -26.65 5.85
CA SER B 52 15.26 -26.96 4.78
C SER B 52 14.62 -26.85 3.39
N VAL B 53 13.39 -27.35 3.28
CA VAL B 53 12.63 -27.21 2.02
C VAL B 53 12.45 -25.71 1.70
N ILE B 54 12.02 -24.90 2.68
CA ILE B 54 11.97 -23.43 2.48
C ILE B 54 13.35 -22.79 2.11
N ALA B 55 14.43 -23.31 2.69
CA ALA B 55 15.80 -22.86 2.35
C ALA B 55 16.16 -23.21 0.89
N ALA B 56 15.81 -24.43 0.44
CA ALA B 56 16.08 -24.88 -0.94
C ALA B 56 14.83 -25.16 -1.78
N LEU B 57 14.05 -24.12 -2.04
CA LEU B 57 12.85 -24.29 -2.85
C LEU B 57 13.25 -24.26 -4.34
N PRO B 58 12.83 -25.28 -5.12
CA PRO B 58 13.20 -25.31 -6.52
C PRO B 58 12.60 -24.09 -7.20
N PRO B 59 13.12 -23.73 -8.36
CA PRO B 59 12.50 -22.58 -9.04
C PRO B 59 11.11 -22.90 -9.61
N LYS B 60 10.82 -24.19 -9.79
CA LYS B 60 9.55 -24.60 -10.42
C LYS B 60 9.05 -25.88 -9.72
N VAL B 61 7.71 -26.01 -9.51
CA VAL B 61 7.08 -27.30 -9.18
C VAL B 61 5.84 -27.42 -10.07
N ASP B 62 5.68 -28.58 -10.71
CA ASP B 62 4.48 -28.85 -11.46
C ASP B 62 3.89 -30.20 -11.04
N LEU B 63 2.80 -30.17 -10.25
CA LEU B 63 2.08 -31.41 -9.94
C LEU B 63 0.84 -31.65 -10.81
N THR B 64 0.67 -30.98 -11.96
CA THR B 64 -0.53 -31.19 -12.81
C THR B 64 -0.80 -32.70 -12.90
N PRO B 65 -1.99 -33.12 -12.48
CA PRO B 65 -2.31 -34.54 -12.56
C PRO B 65 -2.82 -34.99 -13.91
N PRO B 66 -2.92 -36.32 -14.12
CA PRO B 66 -3.38 -36.79 -15.38
C PRO B 66 -4.85 -36.58 -15.71
N PHE B 67 -5.74 -36.40 -14.72
CA PHE B 67 -7.17 -36.38 -15.02
C PHE B 67 -7.59 -34.99 -15.46
N GLN B 68 -8.51 -34.86 -16.40
CA GLN B 68 -8.76 -33.52 -16.81
C GLN B 68 -9.63 -32.78 -15.86
N VAL B 69 -9.67 -31.50 -16.12
CA VAL B 69 -10.54 -30.58 -15.33
C VAL B 69 -12.00 -31.03 -15.41
N TYR B 70 -12.70 -30.75 -14.30
CA TYR B 70 -14.12 -30.86 -14.26
C TYR B 70 -14.78 -29.59 -14.70
N ASP B 71 -16.10 -29.66 -14.88
CA ASP B 71 -16.87 -28.46 -15.19
C ASP B 71 -17.99 -28.41 -14.24
N GLN B 72 -17.96 -27.42 -13.34
CA GLN B 72 -18.99 -27.30 -12.34
C GLN B 72 -20.31 -26.75 -12.87
N GLY B 73 -20.30 -26.12 -14.05
CA GLY B 73 -21.53 -25.64 -14.68
C GLY B 73 -22.12 -24.50 -13.87
N ARG B 74 -23.44 -24.57 -13.78
CA ARG B 74 -24.26 -23.41 -13.37
C ARG B 74 -24.61 -23.36 -11.90
N ILE B 75 -23.80 -24.04 -11.07
CA ILE B 75 -24.14 -24.07 -9.61
C ILE B 75 -22.87 -23.63 -8.88
N GLY B 76 -23.04 -23.30 -7.60
CA GLY B 76 -21.95 -22.76 -6.72
C GLY B 76 -21.18 -23.86 -6.01
N SER B 77 -20.74 -24.89 -6.74
CA SER B 77 -20.13 -26.10 -6.10
C SER B 77 -18.58 -26.06 -6.18
N CYS B 78 -17.96 -24.87 -6.33
CA CYS B 78 -16.47 -24.81 -6.50
C CYS B 78 -15.73 -25.48 -5.41
N THR B 79 -16.14 -25.32 -4.12
CA THR B 79 -15.38 -25.96 -3.03
C THR B 79 -15.43 -27.49 -3.21
N ALA B 80 -16.58 -28.03 -3.68
CA ALA B 80 -16.66 -29.50 -3.92
C ALA B 80 -15.82 -29.92 -5.09
N ASN B 81 -15.69 -29.07 -6.09
CA ASN B 81 -14.89 -29.45 -7.25
C ASN B 81 -13.41 -29.43 -6.90
N ALA B 82 -12.98 -28.39 -6.17
CA ALA B 82 -11.58 -28.27 -5.73
C ALA B 82 -11.26 -29.46 -4.83
N LEU B 83 -12.18 -29.81 -3.89
CA LEU B 83 -11.77 -30.86 -2.95
C LEU B 83 -11.89 -32.26 -3.53
N ALA B 84 -12.84 -32.45 -4.45
CA ALA B 84 -12.92 -33.75 -5.18
C ALA B 84 -11.64 -34.00 -5.94
N ALA B 85 -11.05 -32.94 -6.52
CA ALA B 85 -9.82 -33.07 -7.20
C ALA B 85 -8.63 -33.35 -6.24
N ALA B 86 -8.70 -32.80 -5.02
CA ALA B 86 -7.67 -33.05 -4.02
C ALA B 86 -7.75 -34.52 -3.65
N ILE B 87 -8.96 -35.06 -3.47
CA ILE B 87 -9.08 -36.51 -3.23
C ILE B 87 -8.60 -37.34 -4.42
N GLN B 88 -9.05 -37.03 -5.63
CA GLN B 88 -8.63 -37.87 -6.78
C GLN B 88 -7.11 -37.83 -6.92
N PHE B 89 -6.51 -36.66 -6.73
CA PHE B 89 -5.04 -36.50 -6.76
C PHE B 89 -4.29 -37.39 -5.75
N GLU B 90 -4.75 -37.33 -4.48
CA GLU B 90 -4.19 -38.11 -3.41
C GLU B 90 -4.28 -39.63 -3.66
N ARG B 91 -5.42 -40.08 -4.21
CA ARG B 91 -5.58 -41.50 -4.41
CA ARG B 91 -5.64 -41.50 -4.47
C ARG B 91 -4.71 -41.93 -5.57
N ILE B 92 -4.44 -41.04 -6.51
CA ILE B 92 -3.55 -41.40 -7.66
C ILE B 92 -2.14 -41.47 -7.11
N HIS B 93 -1.71 -40.48 -6.34
CA HIS B 93 -0.34 -40.48 -5.79
C HIS B 93 -0.11 -41.76 -4.95
N ASP B 94 -1.14 -42.19 -4.27
CA ASP B 94 -1.06 -43.30 -3.37
C ASP B 94 -1.48 -44.62 -4.02
N LYS B 95 -1.54 -44.61 -5.33
CA LYS B 95 -1.90 -45.78 -6.14
C LYS B 95 -3.12 -46.57 -5.60
N GLN B 96 -4.19 -45.84 -5.28
CA GLN B 96 -5.41 -46.55 -4.79
C GLN B 96 -6.25 -46.89 -6.01
N SER B 97 -6.61 -48.16 -6.16
CA SER B 97 -7.40 -48.55 -7.35
C SER B 97 -8.80 -48.90 -6.82
N PRO B 98 -9.89 -48.57 -7.53
CA PRO B 98 -9.84 -48.01 -8.86
C PRO B 98 -9.80 -46.50 -8.75
N GLU B 99 -9.47 -45.89 -9.90
CA GLU B 99 -9.51 -44.45 -10.07
C GLU B 99 -10.97 -44.08 -10.26
N PHE B 100 -11.40 -43.07 -9.53
CA PHE B 100 -12.71 -42.50 -9.90
C PHE B 100 -12.73 -40.97 -9.63
N ILE B 101 -13.69 -40.33 -10.27
CA ILE B 101 -13.96 -38.88 -9.92
C ILE B 101 -14.85 -38.97 -8.70
N PRO B 102 -14.44 -38.30 -7.57
CA PRO B 102 -15.30 -38.33 -6.36
C PRO B 102 -16.63 -37.56 -6.65
N SER B 103 -17.73 -37.94 -6.02
CA SER B 103 -19.05 -37.30 -6.28
C SER B 103 -19.02 -35.83 -5.74
N ARG B 104 -18.94 -34.89 -6.69
CA ARG B 104 -19.02 -33.42 -6.32
C ARG B 104 -20.31 -33.04 -5.66
N LEU B 105 -21.42 -33.62 -6.13
CA LEU B 105 -22.75 -33.32 -5.50
C LEU B 105 -22.86 -33.94 -4.12
N PHE B 106 -22.26 -35.12 -3.89
CA PHE B 106 -22.26 -35.70 -2.48
C PHE B 106 -21.54 -34.73 -1.52
N ILE B 107 -20.44 -34.15 -1.96
CA ILE B 107 -19.76 -33.17 -1.08
C ILE B 107 -20.63 -31.94 -0.88
N TYR B 108 -21.10 -31.39 -1.97
CA TYR B 108 -21.85 -30.11 -1.91
C TYR B 108 -23.20 -30.26 -1.14
N TYR B 109 -23.89 -31.39 -1.33
CA TYR B 109 -25.13 -31.59 -0.54
C TYR B 109 -24.78 -31.58 0.96
N ASN B 110 -23.76 -32.35 1.35
CA ASN B 110 -23.44 -32.47 2.81
C ASN B 110 -22.89 -31.19 3.38
N GLU B 111 -22.19 -30.41 2.54
CA GLU B 111 -21.74 -29.04 2.96
C GLU B 111 -22.94 -28.21 3.40
N ARG B 112 -23.98 -28.29 2.59
CA ARG B 112 -25.16 -27.45 2.85
C ARG B 112 -26.05 -27.99 3.99
N LYS B 113 -25.76 -29.20 4.48
CA LYS B 113 -26.32 -29.63 5.80
C LYS B 113 -25.65 -28.93 6.95
N ILE B 114 -24.48 -28.33 6.73
CA ILE B 114 -23.74 -27.64 7.82
C ILE B 114 -24.01 -26.16 7.79
N GLU B 115 -23.93 -25.56 6.60
CA GLU B 115 -24.01 -24.10 6.41
C GLU B 115 -24.71 -23.84 5.07
N GLY B 116 -25.62 -22.93 5.02
CA GLY B 116 -26.42 -22.81 3.78
C GLY B 116 -27.60 -23.75 3.92
N HIS B 117 -28.17 -24.19 2.79
CA HIS B 117 -29.28 -25.10 2.85
C HIS B 117 -29.33 -25.92 1.55
N VAL B 118 -29.71 -27.18 1.63
CA VAL B 118 -29.73 -28.08 0.44
C VAL B 118 -30.68 -27.60 -0.67
N ASN B 119 -31.65 -26.79 -0.29
CA ASN B 119 -32.67 -26.33 -1.26
C ASN B 119 -32.22 -25.14 -2.08
N TYR B 120 -31.11 -24.47 -1.69
CA TYR B 120 -30.70 -23.31 -2.49
CA TYR B 120 -30.68 -23.24 -2.34
C TYR B 120 -29.21 -23.33 -2.80
N ASP B 121 -28.83 -22.52 -3.76
CA ASP B 121 -27.44 -22.62 -4.28
C ASP B 121 -26.56 -21.69 -3.44
N SER B 122 -26.30 -22.12 -2.21
CA SER B 122 -25.64 -21.24 -1.22
C SER B 122 -24.15 -21.09 -1.35
N GLY B 123 -23.49 -22.00 -2.04
CA GLY B 123 -22.07 -22.14 -1.91
C GLY B 123 -21.76 -22.75 -0.52
N ALA B 124 -20.51 -22.70 -0.17
CA ALA B 124 -19.95 -23.40 1.00
C ALA B 124 -18.59 -22.89 1.43
N MET B 125 -18.32 -23.18 2.70
CA MET B 125 -16.99 -22.97 3.23
C MET B 125 -16.11 -24.20 2.92
N ILE B 126 -14.85 -23.95 2.54
CA ILE B 126 -13.92 -25.05 2.31
C ILE B 126 -13.82 -25.89 3.59
N ARG B 127 -13.77 -25.24 4.76
CA ARG B 127 -13.68 -26.05 5.99
CA ARG B 127 -13.67 -26.08 5.98
C ARG B 127 -14.81 -27.07 6.13
N ASP B 128 -15.98 -26.74 5.57
CA ASP B 128 -17.18 -27.62 5.73
C ASP B 128 -17.14 -28.75 4.69
N GLY B 129 -16.60 -28.47 3.48
CA GLY B 129 -16.30 -29.63 2.60
C GLY B 129 -15.22 -30.59 3.19
N ILE B 130 -14.28 -30.04 3.91
CA ILE B 130 -13.19 -30.82 4.52
C ILE B 130 -13.84 -31.62 5.65
N LYS B 131 -14.69 -30.96 6.45
CA LYS B 131 -15.46 -31.73 7.45
C LYS B 131 -16.24 -32.92 6.87
N VAL B 132 -16.87 -32.70 5.74
CA VAL B 132 -17.61 -33.77 5.02
C VAL B 132 -16.63 -34.87 4.67
N LEU B 133 -15.50 -34.52 4.08
CA LEU B 133 -14.51 -35.58 3.76
C LEU B 133 -13.95 -36.36 4.98
N HIS B 134 -13.86 -35.68 6.11
CA HIS B 134 -13.35 -36.28 7.31
C HIS B 134 -14.30 -37.21 8.00
N LYS B 135 -15.54 -36.75 8.16
CA LYS B 135 -16.61 -37.49 8.88
C LYS B 135 -17.45 -38.44 8.03
N LEU B 136 -17.67 -38.10 6.76
CA LEU B 136 -18.53 -38.88 5.91
C LEU B 136 -17.71 -39.53 4.80
N GLY B 137 -16.65 -38.87 4.33
CA GLY B 137 -15.91 -39.38 3.09
C GLY B 137 -16.62 -38.86 1.81
N VAL B 138 -16.52 -39.62 0.72
CA VAL B 138 -17.14 -39.24 -0.53
C VAL B 138 -17.25 -40.53 -1.38
N CYS B 139 -18.38 -40.72 -1.98
CA CYS B 139 -18.56 -41.90 -2.86
C CYS B 139 -18.15 -41.55 -4.27
N PRO B 140 -17.90 -42.55 -5.13
CA PRO B 140 -17.66 -42.23 -6.49
C PRO B 140 -18.78 -41.47 -7.24
N GLU B 141 -18.41 -40.50 -8.08
CA GLU B 141 -19.40 -39.73 -8.78
C GLU B 141 -20.35 -40.63 -9.60
N LYS B 142 -19.86 -41.74 -10.17
CA LYS B 142 -20.85 -42.62 -10.89
C LYS B 142 -21.97 -43.15 -10.01
N GLU B 143 -21.73 -43.22 -8.71
CA GLU B 143 -22.77 -43.62 -7.75
CA GLU B 143 -22.78 -43.61 -7.75
C GLU B 143 -23.69 -42.44 -7.38
N TRP B 144 -23.18 -41.22 -7.53
CA TRP B 144 -24.00 -40.04 -7.20
C TRP B 144 -23.65 -38.98 -8.23
N PRO B 145 -24.22 -39.10 -9.43
CA PRO B 145 -23.66 -38.33 -10.55
C PRO B 145 -23.98 -36.84 -10.55
N TYR B 146 -23.19 -36.09 -11.28
CA TYR B 146 -23.33 -34.61 -11.22
C TYR B 146 -24.47 -34.09 -12.13
N GLY B 147 -25.13 -33.04 -11.70
CA GLY B 147 -26.09 -32.43 -12.61
C GLY B 147 -26.11 -30.99 -12.14
N ASP B 148 -25.90 -30.08 -13.07
CA ASP B 148 -25.82 -28.61 -12.75
C ASP B 148 -27.14 -27.81 -12.95
N THR B 149 -28.30 -28.49 -12.90
CA THR B 149 -29.55 -27.70 -12.92
C THR B 149 -29.46 -26.55 -11.88
N PRO B 150 -29.58 -25.30 -12.34
CA PRO B 150 -29.36 -24.12 -11.49
C PRO B 150 -30.62 -23.77 -10.68
N ALA B 151 -30.43 -22.93 -9.69
CA ALA B 151 -31.54 -22.35 -9.00
C ALA B 151 -32.44 -21.58 -10.02
N ASP B 152 -33.73 -21.61 -9.75
CA ASP B 152 -34.70 -20.96 -10.61
CA ASP B 152 -34.73 -20.97 -10.60
C ASP B 152 -34.59 -19.47 -10.40
N PRO B 153 -34.40 -18.70 -11.48
CA PRO B 153 -34.13 -17.29 -11.23
C PRO B 153 -35.28 -16.52 -10.56
N ARG B 154 -36.50 -17.04 -10.62
CA ARG B 154 -37.67 -16.41 -9.95
C ARG B 154 -37.65 -16.64 -8.41
N THR B 155 -37.58 -17.90 -8.03
CA THR B 155 -37.61 -18.28 -6.65
C THR B 155 -36.22 -18.25 -5.94
N GLU B 156 -35.11 -18.27 -6.69
CA GLU B 156 -33.70 -18.49 -6.16
C GLU B 156 -33.59 -19.79 -5.33
N GLU B 157 -34.47 -20.73 -5.62
CA GLU B 157 -34.38 -22.02 -5.00
CA GLU B 157 -34.45 -22.06 -4.97
C GLU B 157 -34.23 -23.06 -6.08
N PHE B 158 -33.62 -24.18 -5.72
CA PHE B 158 -33.45 -25.24 -6.73
C PHE B 158 -34.89 -25.71 -7.08
N PRO B 159 -35.11 -26.02 -8.33
CA PRO B 159 -36.45 -26.49 -8.71
C PRO B 159 -36.65 -27.91 -8.19
N PRO B 160 -37.92 -28.34 -8.04
CA PRO B 160 -38.14 -29.74 -7.74
C PRO B 160 -37.36 -30.70 -8.67
N GLY B 161 -36.75 -31.72 -8.07
CA GLY B 161 -35.96 -32.67 -8.87
C GLY B 161 -34.52 -32.25 -9.22
N ALA B 162 -34.09 -31.04 -8.87
CA ALA B 162 -32.69 -30.62 -9.21
C ALA B 162 -31.68 -31.59 -8.58
N PRO B 163 -30.74 -32.10 -9.37
CA PRO B 163 -29.84 -33.11 -8.73
C PRO B 163 -29.13 -32.54 -7.52
N ALA B 164 -28.86 -31.23 -7.50
CA ALA B 164 -28.12 -30.67 -6.39
C ALA B 164 -28.87 -30.70 -5.07
N SER B 165 -30.22 -30.72 -5.09
CA SER B 165 -30.98 -30.71 -3.83
C SER B 165 -31.45 -32.09 -3.40
N LYS B 166 -31.02 -33.12 -4.11
CA LYS B 166 -31.44 -34.49 -3.82
CA LYS B 166 -31.44 -34.48 -3.79
C LYS B 166 -30.53 -35.13 -2.77
N LYS B 167 -31.11 -35.79 -1.76
CA LYS B 167 -30.34 -36.49 -0.71
C LYS B 167 -29.67 -37.76 -1.30
N PRO B 168 -28.38 -37.84 -1.21
CA PRO B 168 -27.73 -39.09 -1.70
C PRO B 168 -28.33 -40.33 -0.97
N SER B 169 -28.35 -41.44 -1.70
CA SER B 169 -28.92 -42.65 -1.15
C SER B 169 -28.13 -43.19 0.02
N ASP B 170 -28.77 -43.99 0.90
CA ASP B 170 -28.02 -44.60 1.98
C ASP B 170 -26.83 -45.40 1.52
N GLN B 171 -26.90 -46.05 0.36
CA GLN B 171 -25.73 -46.85 -0.04
CA GLN B 171 -25.78 -46.85 -0.16
C GLN B 171 -24.60 -45.91 -0.41
N CYS B 172 -24.91 -44.73 -0.99
CA CYS B 172 -23.88 -43.69 -1.25
C CYS B 172 -23.21 -43.24 0.01
N TYR B 173 -23.97 -42.97 1.08
CA TYR B 173 -23.34 -42.74 2.37
C TYR B 173 -22.52 -43.89 2.86
N LYS B 174 -23.03 -45.14 2.77
CA LYS B 174 -22.21 -46.27 3.24
CA LYS B 174 -22.22 -46.30 3.22
C LYS B 174 -20.86 -46.36 2.51
N ASP B 175 -20.88 -46.26 1.18
CA ASP B 175 -19.69 -46.42 0.30
C ASP B 175 -18.76 -45.28 0.53
N ALA B 176 -19.35 -44.07 0.76
CA ALA B 176 -18.51 -42.87 1.04
C ALA B 176 -17.51 -43.06 2.19
N GLN B 177 -17.94 -43.81 3.22
CA GLN B 177 -17.12 -44.04 4.42
C GLN B 177 -15.78 -44.69 4.09
N ASN B 178 -15.70 -45.36 2.94
CA ASN B 178 -14.43 -46.03 2.62
C ASN B 178 -13.36 -45.05 2.18
N TYR B 179 -13.73 -43.77 2.00
CA TYR B 179 -12.78 -42.80 1.38
C TYR B 179 -12.62 -41.53 2.19
N LYS B 180 -12.90 -41.63 3.46
CA LYS B 180 -12.54 -40.53 4.40
C LYS B 180 -11.07 -40.14 4.50
N ILE B 181 -10.82 -38.85 4.68
CA ILE B 181 -9.50 -38.35 4.97
C ILE B 181 -9.26 -38.64 6.45
N THR B 182 -8.01 -38.59 6.82
CA THR B 182 -7.74 -38.74 8.25
C THR B 182 -7.29 -37.43 8.88
N GLU B 183 -6.75 -36.50 8.12
CA GLU B 183 -6.40 -35.19 8.69
CA GLU B 183 -6.31 -35.22 8.67
C GLU B 183 -6.33 -34.04 7.72
N TYR B 184 -6.23 -32.81 8.26
CA TYR B 184 -6.19 -31.60 7.42
C TYR B 184 -5.57 -30.43 8.14
N SER B 185 -4.95 -29.51 7.38
CA SER B 185 -4.25 -28.39 7.99
CA SER B 185 -4.14 -28.42 7.94
C SER B 185 -4.18 -27.18 7.08
N ARG B 186 -4.08 -25.99 7.71
CA ARG B 186 -3.90 -24.73 7.00
C ARG B 186 -2.52 -24.39 6.70
N VAL B 187 -2.33 -24.01 5.45
CA VAL B 187 -1.11 -23.38 5.01
C VAL B 187 -1.13 -21.88 5.25
N ALA B 188 -0.02 -21.33 5.75
CA ALA B 188 -0.01 -19.89 6.07
C ALA B 188 0.03 -19.16 4.73
N GLN B 189 -0.62 -18.00 4.68
CA GLN B 189 -0.60 -17.25 3.44
C GLN B 189 0.77 -16.55 3.26
N ASP B 190 1.75 -17.34 2.86
CA ASP B 190 3.14 -16.90 2.79
C ASP B 190 3.69 -17.59 1.58
N ILE B 191 4.19 -16.83 0.60
CA ILE B 191 4.65 -17.41 -0.71
C ILE B 191 5.53 -18.66 -0.54
N ASP B 192 6.52 -18.57 0.35
CA ASP B 192 7.36 -19.70 0.66
C ASP B 192 6.71 -20.93 1.29
N HIS B 193 5.76 -20.75 2.23
CA HIS B 193 5.00 -21.89 2.74
C HIS B 193 4.15 -22.58 1.67
N LEU B 194 3.50 -21.79 0.80
CA LEU B 194 2.73 -22.30 -0.34
C LEU B 194 3.63 -23.07 -1.31
N LYS B 195 4.82 -22.55 -1.59
CA LYS B 195 5.84 -23.23 -2.41
CA LYS B 195 5.81 -23.23 -2.43
C LYS B 195 6.29 -24.55 -1.81
N ALA B 196 6.56 -24.51 -0.49
CA ALA B 196 7.03 -25.69 0.27
C ALA B 196 6.03 -26.81 0.31
N CYS B 197 4.76 -26.46 0.46
CA CYS B 197 3.70 -27.46 0.38
C CYS B 197 3.76 -28.17 -1.02
N LEU B 198 3.86 -27.41 -2.10
CA LEU B 198 3.91 -28.04 -3.43
C LEU B 198 5.22 -28.79 -3.61
N ALA B 199 6.28 -28.27 -3.00
CA ALA B 199 7.67 -28.78 -3.28
C ALA B 199 7.84 -30.17 -2.71
N VAL B 200 7.01 -30.50 -1.74
CA VAL B 200 6.95 -31.86 -1.21
C VAL B 200 5.86 -32.74 -1.82
N GLY B 201 5.18 -32.24 -2.85
CA GLY B 201 4.23 -33.04 -3.65
C GLY B 201 2.74 -32.98 -3.27
N SER B 202 2.42 -32.08 -2.35
CA SER B 202 1.04 -31.82 -1.89
C SER B 202 0.38 -30.57 -2.56
N PRO B 203 -0.71 -30.78 -3.28
CA PRO B 203 -1.45 -29.61 -3.72
C PRO B 203 -2.24 -29.07 -2.53
N PHE B 204 -2.84 -27.87 -2.72
CA PHE B 204 -3.63 -27.28 -1.61
C PHE B 204 -4.84 -26.64 -2.28
N VAL B 205 -5.94 -26.57 -1.56
CA VAL B 205 -7.18 -25.88 -2.01
CA VAL B 205 -7.12 -25.82 -2.09
C VAL B 205 -7.15 -24.45 -1.40
N PHE B 206 -7.74 -23.47 -2.07
CA PHE B 206 -7.87 -22.14 -1.44
C PHE B 206 -8.96 -21.38 -2.12
N GLY B 207 -9.42 -20.35 -1.39
CA GLY B 207 -10.51 -19.48 -1.85
C GLY B 207 -9.97 -18.09 -2.30
N PHE B 208 -10.64 -17.46 -3.28
CA PHE B 208 -10.22 -16.11 -3.69
C PHE B 208 -11.37 -15.30 -4.31
N SER B 209 -11.24 -13.96 -4.24
CA SER B 209 -12.24 -13.14 -4.85
C SER B 209 -11.88 -12.99 -6.33
N VAL B 210 -12.92 -13.08 -7.12
CA VAL B 210 -12.82 -12.88 -8.60
C VAL B 210 -13.34 -11.51 -9.01
N TYR B 211 -12.66 -10.86 -9.97
CA TYR B 211 -13.00 -9.54 -10.37
C TYR B 211 -13.22 -9.51 -11.88
N ASN B 212 -13.98 -8.53 -12.33
CA ASN B 212 -14.35 -8.36 -13.72
CA ASN B 212 -14.33 -8.50 -13.77
C ASN B 212 -13.13 -8.21 -14.65
N SER B 213 -12.00 -7.76 -14.10
CA SER B 213 -10.80 -7.53 -14.97
C SER B 213 -10.26 -8.85 -15.55
N TRP B 214 -10.59 -9.93 -14.87
CA TRP B 214 -10.27 -11.27 -15.34
C TRP B 214 -11.49 -11.84 -16.07
N VAL B 215 -12.57 -12.19 -15.36
CA VAL B 215 -13.64 -12.90 -15.97
C VAL B 215 -14.50 -12.09 -16.96
N GLY B 216 -14.45 -10.75 -16.87
CA GLY B 216 -15.09 -9.81 -17.81
C GLY B 216 -14.28 -9.63 -19.09
N ASN B 217 -13.13 -10.27 -19.18
CA ASN B 217 -12.36 -10.10 -20.37
C ASN B 217 -12.79 -11.26 -21.26
N ASN B 218 -13.22 -10.97 -22.50
CA ASN B 218 -13.89 -12.03 -23.29
C ASN B 218 -12.98 -13.09 -23.79
N SER B 219 -11.74 -12.74 -23.77
CA SER B 219 -10.70 -13.71 -24.00
C SER B 219 -10.44 -14.66 -22.78
N LEU B 220 -11.03 -14.37 -21.60
CA LEU B 220 -10.88 -15.19 -20.39
CA LEU B 220 -10.86 -15.16 -20.37
C LEU B 220 -9.42 -15.64 -20.28
N PRO B 221 -8.46 -14.68 -20.19
CA PRO B 221 -7.01 -14.88 -20.18
C PRO B 221 -6.43 -15.94 -19.23
N VAL B 222 -5.38 -16.62 -19.68
CA VAL B 222 -4.79 -17.70 -18.85
CA VAL B 222 -4.74 -17.69 -18.86
C VAL B 222 -4.03 -17.13 -17.64
N ARG B 223 -3.40 -15.95 -17.80
CA ARG B 223 -2.83 -15.26 -16.68
C ARG B 223 -3.87 -14.32 -16.09
N ILE B 224 -4.18 -14.56 -14.80
CA ILE B 224 -5.18 -13.72 -14.15
C ILE B 224 -4.47 -12.37 -13.81
N PRO B 225 -5.06 -11.27 -14.24
CA PRO B 225 -4.40 -10.03 -13.86
C PRO B 225 -4.66 -9.63 -12.41
N LEU B 226 -3.75 -8.82 -11.88
CA LEU B 226 -3.95 -8.24 -10.58
C LEU B 226 -5.12 -7.27 -10.65
N PRO B 227 -6.05 -7.35 -9.68
CA PRO B 227 -7.20 -6.45 -9.77
C PRO B 227 -6.83 -5.04 -9.41
N THR B 228 -7.61 -4.09 -9.87
CA THR B 228 -7.47 -2.68 -9.36
C THR B 228 -8.74 -2.13 -8.73
N LYS B 229 -8.69 -0.97 -8.10
CA LYS B 229 -9.94 -0.47 -7.50
C LYS B 229 -10.91 0.10 -8.56
N ASN B 230 -10.48 0.12 -9.82
CA ASN B 230 -11.49 0.37 -10.90
C ASN B 230 -12.35 -0.86 -11.16
N ASP B 231 -11.99 -1.98 -10.54
CA ASP B 231 -12.62 -3.27 -10.90
CA ASP B 231 -12.53 -3.29 -10.77
C ASP B 231 -13.82 -3.60 -10.01
N THR B 232 -14.61 -4.53 -10.49
CA THR B 232 -15.74 -4.93 -9.70
C THR B 232 -15.62 -6.35 -9.22
N LEU B 233 -15.92 -6.55 -7.94
CA LEU B 233 -15.97 -7.88 -7.35
C LEU B 233 -17.11 -8.71 -7.94
N GLU B 234 -16.78 -9.89 -8.49
CA GLU B 234 -17.80 -10.74 -9.14
C GLU B 234 -18.28 -11.86 -8.26
N GLY B 235 -17.39 -12.42 -7.49
CA GLY B 235 -17.77 -13.58 -6.70
C GLY B 235 -16.51 -14.12 -5.95
N GLY B 236 -16.88 -15.10 -5.10
CA GLY B 236 -15.84 -15.82 -4.34
C GLY B 236 -15.73 -17.25 -4.93
N HIS B 237 -14.51 -17.64 -5.21
CA HIS B 237 -14.21 -18.88 -5.90
C HIS B 237 -13.25 -19.72 -5.14
N ALA B 238 -13.14 -21.01 -5.48
CA ALA B 238 -12.14 -21.89 -4.81
C ALA B 238 -11.65 -22.92 -5.83
N VAL B 239 -10.38 -23.19 -5.69
CA VAL B 239 -9.61 -24.05 -6.67
C VAL B 239 -8.54 -24.89 -5.99
N LEU B 240 -8.07 -25.92 -6.70
CA LEU B 240 -6.87 -26.64 -6.31
C LEU B 240 -5.63 -26.04 -6.99
N CYS B 241 -4.62 -25.75 -6.18
CA CYS B 241 -3.37 -25.19 -6.70
C CYS B 241 -2.40 -26.39 -6.92
N VAL B 242 -1.78 -26.45 -8.10
CA VAL B 242 -1.01 -27.65 -8.45
C VAL B 242 0.42 -27.31 -8.82
N GLY B 243 0.84 -26.06 -8.63
CA GLY B 243 2.31 -25.77 -8.88
C GLY B 243 2.67 -24.32 -8.89
N TYR B 244 3.95 -24.02 -9.13
CA TYR B 244 4.37 -22.63 -9.23
C TYR B 244 5.56 -22.59 -10.19
N ASP B 245 5.74 -21.41 -10.81
CA ASP B 245 6.94 -21.19 -11.64
CA ASP B 245 6.90 -21.19 -11.70
C ASP B 245 7.53 -19.82 -11.35
N ASP B 246 8.70 -19.85 -10.74
CA ASP B 246 9.44 -18.58 -10.45
C ASP B 246 9.82 -17.77 -11.70
N GLU B 247 9.93 -18.41 -12.86
CA GLU B 247 10.27 -17.65 -14.04
C GLU B 247 9.13 -16.70 -14.40
N ILE B 248 7.86 -17.08 -14.18
CA ILE B 248 6.78 -16.19 -14.55
C ILE B 248 6.11 -15.59 -13.32
N ARG B 249 6.55 -15.97 -12.12
CA ARG B 249 5.94 -15.51 -10.86
CA ARG B 249 5.95 -15.50 -10.85
C ARG B 249 4.41 -15.74 -10.85
N HIS B 250 3.98 -16.96 -11.18
CA HIS B 250 2.53 -17.24 -11.06
C HIS B 250 2.45 -18.66 -10.42
N PHE B 251 1.45 -18.92 -9.55
CA PHE B 251 1.00 -20.28 -9.17
C PHE B 251 0.03 -20.82 -10.18
N ARG B 252 0.12 -22.14 -10.39
CA ARG B 252 -0.75 -22.84 -11.30
C ARG B 252 -2.03 -23.37 -10.61
N ILE B 253 -3.15 -23.03 -11.17
CA ILE B 253 -4.45 -23.40 -10.55
C ILE B 253 -5.28 -24.18 -11.52
N ARG B 254 -5.84 -25.25 -10.97
CA ARG B 254 -6.80 -26.08 -11.67
C ARG B 254 -8.17 -25.48 -11.48
N ASN B 255 -8.78 -25.01 -12.55
CA ASN B 255 -10.13 -24.50 -12.44
C ASN B 255 -11.05 -25.68 -12.73
N SER B 256 -12.31 -25.26 -12.54
CA SER B 256 -13.49 -26.17 -12.64
C SER B 256 -14.53 -25.61 -13.59
N TRP B 257 -14.04 -25.03 -14.69
CA TRP B 257 -14.96 -24.47 -15.70
C TRP B 257 -14.79 -25.19 -17.03
N GLY B 258 -14.41 -26.48 -16.97
CA GLY B 258 -14.18 -27.28 -18.22
C GLY B 258 -12.91 -26.92 -18.93
N ASN B 259 -12.64 -27.65 -20.05
CA ASN B 259 -11.30 -27.58 -20.63
C ASN B 259 -11.10 -26.70 -21.87
N ASN B 260 -12.12 -25.92 -22.20
CA ASN B 260 -12.10 -24.97 -23.31
C ASN B 260 -11.84 -23.53 -22.90
N VAL B 261 -11.43 -23.33 -21.63
CA VAL B 261 -10.90 -22.06 -21.12
C VAL B 261 -9.55 -22.22 -20.53
N GLY B 262 -8.77 -21.16 -20.42
CA GLY B 262 -7.45 -21.28 -19.91
C GLY B 262 -6.54 -22.22 -20.73
N GLU B 263 -5.65 -22.93 -20.05
CA GLU B 263 -4.88 -24.01 -20.71
C GLU B 263 -5.45 -25.35 -20.28
N ASP B 264 -6.35 -25.90 -21.11
CA ASP B 264 -7.13 -27.11 -20.84
C ASP B 264 -7.77 -26.96 -19.45
N GLY B 265 -8.18 -25.73 -19.10
CA GLY B 265 -8.89 -25.58 -17.81
C GLY B 265 -8.05 -25.02 -16.68
N TYR B 266 -6.77 -24.90 -16.92
CA TYR B 266 -5.81 -24.37 -15.95
C TYR B 266 -5.41 -22.92 -16.23
N PHE B 267 -5.12 -22.22 -15.12
CA PHE B 267 -4.78 -20.80 -15.19
C PHE B 267 -3.56 -20.55 -14.34
N TRP B 268 -3.02 -19.35 -14.46
CA TRP B 268 -1.91 -18.87 -13.62
C TRP B 268 -2.35 -17.66 -12.80
N MET B 269 -2.07 -17.70 -11.51
CA MET B 269 -2.42 -16.62 -10.61
C MET B 269 -1.11 -15.97 -10.10
N PRO B 270 -1.03 -14.62 -10.22
CA PRO B 270 0.25 -14.08 -9.84
C PRO B 270 0.61 -14.30 -8.37
N TYR B 271 1.90 -14.38 -8.10
CA TYR B 271 2.40 -14.32 -6.72
C TYR B 271 1.79 -13.22 -5.85
N GLU B 272 1.61 -12.04 -6.44
CA GLU B 272 1.13 -10.82 -5.73
C GLU B 272 -0.40 -10.96 -5.49
N TYR B 273 -1.05 -11.94 -6.14
CA TYR B 273 -2.53 -12.08 -6.03
C TYR B 273 -2.74 -13.05 -4.88
N ILE B 274 -2.11 -14.20 -4.96
CA ILE B 274 -2.36 -15.32 -4.01
C ILE B 274 -1.82 -14.91 -2.58
N SER B 275 -0.81 -14.02 -2.52
CA SER B 275 -0.24 -13.66 -1.22
CA SER B 275 -0.21 -13.60 -1.24
C SER B 275 -0.98 -12.53 -0.53
N ASN B 276 -1.92 -11.87 -1.21
CA ASN B 276 -2.64 -10.73 -0.68
C ASN B 276 -3.85 -11.20 0.13
N THR B 277 -3.85 -10.91 1.45
CA THR B 277 -4.92 -11.36 2.36
C THR B 277 -6.33 -10.81 1.96
N GLN B 278 -6.37 -9.75 1.14
CA GLN B 278 -7.62 -9.16 0.70
CA GLN B 278 -7.64 -9.19 0.72
C GLN B 278 -8.10 -9.75 -0.62
N LEU B 279 -7.30 -10.69 -1.17
CA LEU B 279 -7.65 -11.33 -2.45
C LEU B 279 -7.77 -12.84 -2.36
N ALA B 280 -7.10 -13.48 -1.39
CA ALA B 280 -7.16 -14.99 -1.32
C ALA B 280 -7.04 -15.37 0.15
N ASP B 281 -7.55 -16.54 0.54
CA ASP B 281 -7.54 -16.99 1.95
C ASP B 281 -7.88 -18.47 1.95
N ASP B 282 -7.84 -19.07 3.15
CA ASP B 282 -8.43 -20.43 3.35
C ASP B 282 -7.68 -21.49 2.57
N PHE B 283 -6.34 -21.45 2.73
CA PHE B 283 -5.41 -22.46 2.15
C PHE B 283 -5.42 -23.67 3.01
N TRP B 284 -5.81 -24.79 2.45
CA TRP B 284 -5.94 -26.06 3.22
C TRP B 284 -5.30 -27.23 2.48
N VAL B 285 -4.71 -28.16 3.24
CA VAL B 285 -4.15 -29.45 2.72
CA VAL B 285 -4.19 -29.46 2.69
C VAL B 285 -4.85 -30.61 3.41
N ILE B 286 -5.16 -31.70 2.68
CA ILE B 286 -5.86 -32.82 3.22
C ILE B 286 -4.92 -34.04 3.10
N LYS B 287 -5.13 -35.02 3.93
CA LYS B 287 -4.31 -36.26 3.85
C LYS B 287 -5.11 -37.43 4.30
N THR B 288 -4.87 -38.61 3.67
CA THR B 288 -5.48 -39.84 4.15
C THR B 288 -4.31 -40.76 4.49
N VAL B 289 -4.07 -40.99 5.78
CA VAL B 289 -3.02 -41.93 6.25
C VAL B 289 -3.57 -43.31 6.31
N ARG B 290 -3.02 -44.19 5.46
CA ARG B 290 -3.49 -45.58 5.30
CA ARG B 290 -3.52 -45.57 5.36
C ARG B 290 -2.66 -46.57 6.15
N VAL C 24 19.12 20.19 18.88
CA VAL C 24 19.90 19.90 17.66
C VAL C 24 19.10 19.17 16.54
N LEU C 25 19.28 19.71 15.34
CA LEU C 25 18.95 19.02 14.11
C LEU C 25 20.15 18.20 13.70
N LYS C 26 19.92 17.06 13.07
CA LYS C 26 21.06 16.26 12.67
C LYS C 26 21.47 16.63 11.22
N ARG C 27 22.74 16.84 11.00
CA ARG C 27 23.27 17.04 9.67
C ARG C 27 23.16 15.69 8.88
N ARG C 28 22.67 15.72 7.65
CA ARG C 28 22.57 14.48 6.92
C ARG C 28 23.99 14.00 6.54
N LYS C 29 24.19 12.69 6.72
CA LYS C 29 25.54 12.16 6.56
CA LYS C 29 25.46 12.00 6.57
C LYS C 29 25.91 12.15 5.09
N LYS C 30 27.16 12.58 4.82
CA LYS C 30 27.74 12.63 3.46
C LYS C 30 28.89 11.66 3.36
N SER C 31 29.64 11.46 4.46
CA SER C 31 30.69 10.47 4.58
C SER C 31 30.24 9.08 4.12
N GLY C 32 30.87 8.54 3.07
CA GLY C 32 30.58 7.21 2.61
C GLY C 32 29.37 7.19 1.62
N TYR C 33 28.76 8.37 1.47
CA TYR C 33 27.50 8.53 0.69
C TYR C 33 27.76 9.65 -0.35
N GLY C 34 26.76 10.56 -0.53
CA GLY C 34 26.99 11.78 -1.37
C GLY C 34 26.08 11.90 -2.61
N TYR C 35 25.05 11.09 -2.71
CA TYR C 35 24.08 11.26 -3.79
C TYR C 35 22.98 12.25 -3.48
N ILE C 36 22.73 13.17 -4.39
CA ILE C 36 21.63 14.11 -4.28
C ILE C 36 20.75 13.82 -5.49
N PRO C 37 19.42 13.63 -5.34
CA PRO C 37 18.52 13.34 -6.50
C PRO C 37 18.67 14.36 -7.63
N ASP C 38 18.70 13.90 -8.89
CA ASP C 38 18.77 14.83 -9.97
C ASP C 38 17.54 15.77 -9.96
N ILE C 39 17.77 17.03 -10.32
CA ILE C 39 16.68 17.85 -10.86
C ILE C 39 16.29 17.27 -12.22
N ALA C 40 14.97 17.14 -12.48
CA ALA C 40 14.54 16.54 -13.77
C ALA C 40 14.71 17.55 -14.87
N ASP C 41 15.02 17.08 -16.07
CA ASP C 41 15.17 17.87 -17.26
C ASP C 41 14.51 17.07 -18.39
N ILE C 42 13.43 17.63 -18.93
CA ILE C 42 12.63 16.86 -19.93
C ILE C 42 13.44 16.54 -21.18
N ARG C 43 14.63 17.15 -21.36
CA ARG C 43 15.50 16.92 -22.52
C ARG C 43 16.33 15.64 -22.33
N ASP C 44 16.31 15.01 -21.14
CA ASP C 44 17.17 13.86 -20.87
C ASP C 44 16.90 12.75 -21.93
N PHE C 45 17.96 12.24 -22.53
CA PHE C 45 17.80 11.18 -23.57
C PHE C 45 17.28 9.92 -22.88
N SER C 46 16.50 9.10 -23.60
CA SER C 46 16.01 7.85 -23.04
CA SER C 46 16.04 7.84 -23.02
C SER C 46 16.84 6.69 -23.60
N TYR C 47 17.25 5.78 -22.73
CA TYR C 47 17.97 4.59 -23.16
C TYR C 47 16.90 3.66 -23.69
N THR C 48 16.96 3.35 -24.99
CA THR C 48 15.89 2.51 -25.54
C THR C 48 16.42 1.14 -25.94
N PRO C 49 15.97 0.07 -25.27
CA PRO C 49 16.60 -1.22 -25.66
C PRO C 49 15.91 -1.71 -26.93
N GLU C 50 16.61 -2.38 -27.84
CA GLU C 50 15.94 -3.03 -28.97
CA GLU C 50 15.94 -3.05 -29.00
C GLU C 50 14.95 -4.07 -28.45
N LYS C 51 13.81 -4.20 -29.13
CA LYS C 51 12.71 -5.07 -28.67
C LYS C 51 13.12 -6.54 -28.68
N SER C 52 14.04 -6.87 -29.59
CA SER C 52 14.46 -8.25 -29.67
C SER C 52 15.29 -8.59 -28.42
N VAL C 53 15.94 -7.58 -27.81
CA VAL C 53 16.77 -7.75 -26.57
C VAL C 53 15.93 -8.12 -25.33
N ILE C 54 14.88 -7.36 -25.08
CA ILE C 54 13.95 -7.62 -23.96
C ILE C 54 13.30 -9.02 -24.07
N ALA C 55 13.07 -9.47 -25.32
CA ALA C 55 12.54 -10.83 -25.62
C ALA C 55 13.57 -11.97 -25.50
N ALA C 56 14.84 -11.59 -25.40
CA ALA C 56 15.89 -12.54 -25.33
C ALA C 56 16.75 -12.36 -24.08
N LEU C 57 16.14 -11.92 -22.96
CA LEU C 57 16.97 -11.69 -21.76
C LEU C 57 17.42 -12.96 -21.05
N PRO C 58 18.71 -13.07 -20.84
CA PRO C 58 19.43 -14.15 -20.17
C PRO C 58 18.91 -14.21 -18.74
N PRO C 59 18.90 -15.40 -18.14
CA PRO C 59 18.39 -15.43 -16.75
C PRO C 59 19.42 -14.74 -15.77
N LYS C 60 20.66 -14.58 -16.22
CA LYS C 60 21.79 -14.10 -15.39
C LYS C 60 22.85 -13.37 -16.18
N VAL C 61 23.34 -12.21 -15.69
CA VAL C 61 24.39 -11.43 -16.36
C VAL C 61 25.37 -11.01 -15.31
N ASP C 62 26.62 -11.14 -15.63
CA ASP C 62 27.65 -10.69 -14.70
C ASP C 62 28.70 -10.00 -15.49
N LEU C 63 28.68 -8.65 -15.46
CA LEU C 63 29.76 -7.85 -16.09
C LEU C 63 30.89 -7.45 -15.12
N THR C 64 30.90 -7.95 -13.89
CA THR C 64 31.96 -7.59 -12.91
C THR C 64 33.37 -7.53 -13.54
N PRO C 65 34.02 -6.35 -13.53
CA PRO C 65 35.24 -6.17 -14.30
C PRO C 65 36.47 -6.61 -13.46
N PRO C 66 37.71 -6.67 -14.04
CA PRO C 66 38.84 -7.07 -13.21
C PRO C 66 39.32 -6.06 -12.17
N PHE C 67 39.06 -4.75 -12.37
CA PHE C 67 39.65 -3.72 -11.50
C PHE C 67 38.93 -3.73 -10.16
N GLN C 68 39.73 -3.74 -9.09
CA GLN C 68 39.20 -3.84 -7.69
C GLN C 68 38.26 -2.64 -7.43
N VAL C 69 37.33 -2.81 -6.48
CA VAL C 69 36.55 -1.66 -5.97
C VAL C 69 37.45 -0.51 -5.43
N TYR C 70 36.93 0.73 -5.50
CA TYR C 70 37.62 1.83 -4.87
C TYR C 70 37.09 1.92 -3.43
N ASP C 71 37.75 2.76 -2.62
CA ASP C 71 37.23 3.13 -1.30
C ASP C 71 37.16 4.65 -1.31
N GLN C 72 35.95 5.16 -1.23
CA GLN C 72 35.76 6.60 -1.28
C GLN C 72 36.15 7.23 0.07
N GLY C 73 36.20 6.38 1.11
CA GLY C 73 36.55 6.90 2.47
C GLY C 73 35.54 7.91 2.98
N ARG C 74 36.05 8.94 3.66
CA ARG C 74 35.18 9.76 4.57
C ARG C 74 34.54 11.00 3.90
N ILE C 75 34.39 10.98 2.58
CA ILE C 75 33.77 12.11 1.88
C ILE C 75 32.56 11.64 1.03
N GLY C 76 31.75 12.62 0.61
CA GLY C 76 30.54 12.34 -0.11
C GLY C 76 30.73 12.27 -1.62
N SER C 77 31.69 11.48 -2.06
CA SER C 77 32.13 11.42 -3.47
C SER C 77 31.53 10.19 -4.21
N CYS C 78 30.46 9.61 -3.68
CA CYS C 78 29.91 8.33 -4.34
C CYS C 78 29.63 8.50 -5.82
N THR C 79 29.00 9.60 -6.22
CA THR C 79 28.69 9.76 -7.67
C THR C 79 29.99 9.73 -8.51
N ALA C 80 31.11 10.30 -8.02
CA ALA C 80 32.36 10.35 -8.78
C ALA C 80 32.99 8.97 -8.78
N ASN C 81 32.83 8.23 -7.68
CA ASN C 81 33.29 6.80 -7.64
C ASN C 81 32.50 5.87 -8.57
N ALA C 82 31.20 6.01 -8.64
CA ALA C 82 30.35 5.21 -9.56
C ALA C 82 30.73 5.60 -10.98
N LEU C 83 30.90 6.90 -11.23
CA LEU C 83 31.09 7.33 -12.65
C LEU C 83 32.53 7.05 -13.08
N ALA C 84 33.48 7.15 -12.17
CA ALA C 84 34.82 6.84 -12.54
C ALA C 84 34.91 5.36 -12.98
N ALA C 85 34.17 4.48 -12.29
CA ALA C 85 34.20 3.08 -12.62
C ALA C 85 33.46 2.85 -13.94
N ALA C 86 32.44 3.65 -14.24
CA ALA C 86 31.79 3.48 -15.54
C ALA C 86 32.75 3.80 -16.65
N ILE C 87 33.56 4.84 -16.46
CA ILE C 87 34.59 5.25 -17.46
C ILE C 87 35.68 4.18 -17.60
N GLN C 88 36.17 3.69 -16.45
CA GLN C 88 37.20 2.66 -16.46
C GLN C 88 36.67 1.42 -17.14
N PHE C 89 35.42 1.05 -16.87
CA PHE C 89 34.80 -0.12 -17.48
C PHE C 89 34.78 0.07 -18.97
N GLU C 90 34.27 1.23 -19.39
CA GLU C 90 34.06 1.50 -20.84
C GLU C 90 35.40 1.53 -21.56
N ARG C 91 36.48 2.01 -20.94
CA ARG C 91 37.76 2.06 -21.64
C ARG C 91 38.29 0.66 -21.84
N ILE C 92 38.06 -0.22 -20.84
CA ILE C 92 38.40 -1.63 -21.01
C ILE C 92 37.59 -2.31 -22.10
N HIS C 93 36.27 -2.10 -22.16
CA HIS C 93 35.41 -2.68 -23.19
CA HIS C 93 35.41 -2.67 -23.18
C HIS C 93 35.87 -2.21 -24.56
N ASP C 94 36.15 -0.92 -24.67
CA ASP C 94 36.51 -0.26 -25.94
C ASP C 94 37.98 -0.50 -26.32
N LYS C 95 38.68 -1.33 -25.54
CA LYS C 95 40.16 -1.61 -25.66
C LYS C 95 41.00 -0.31 -25.82
N GLN C 96 40.80 0.63 -24.91
CA GLN C 96 41.56 1.87 -24.92
C GLN C 96 42.72 1.74 -24.00
N SER C 97 43.90 2.02 -24.51
CA SER C 97 45.09 1.99 -23.69
CA SER C 97 45.10 1.98 -23.70
C SER C 97 45.62 3.39 -23.45
N PRO C 98 46.24 3.64 -22.27
CA PRO C 98 46.40 2.73 -21.15
C PRO C 98 45.18 2.69 -20.23
N GLU C 99 45.12 1.66 -19.41
CA GLU C 99 44.13 1.57 -18.35
C GLU C 99 44.59 2.51 -17.21
N PHE C 100 43.67 3.33 -16.67
CA PHE C 100 43.92 4.11 -15.47
C PHE C 100 42.62 4.18 -14.69
N ILE C 101 42.76 4.39 -13.39
CA ILE C 101 41.65 4.76 -12.55
C ILE C 101 41.43 6.24 -12.81
N PRO C 102 40.21 6.61 -13.24
CA PRO C 102 39.98 8.05 -13.42
C PRO C 102 39.99 8.80 -12.09
N SER C 103 40.48 10.05 -12.11
CA SER C 103 40.50 10.89 -10.93
C SER C 103 39.08 11.21 -10.38
N ARG C 104 38.76 10.53 -9.26
CA ARG C 104 37.47 10.79 -8.56
C ARG C 104 37.38 12.18 -7.98
N LEU C 105 38.50 12.70 -7.48
CA LEU C 105 38.47 14.09 -6.99
C LEU C 105 38.37 15.10 -8.13
N PHE C 106 38.91 14.82 -9.31
CA PHE C 106 38.61 15.69 -10.45
C PHE C 106 37.10 15.75 -10.74
N ILE C 107 36.39 14.61 -10.75
CA ILE C 107 34.96 14.70 -11.05
C ILE C 107 34.28 15.46 -9.90
N TYR C 108 34.62 15.13 -8.68
CA TYR C 108 33.88 15.66 -7.58
C TYR C 108 34.05 17.16 -7.40
N TYR C 109 35.27 17.65 -7.65
CA TYR C 109 35.52 19.07 -7.54
C TYR C 109 34.64 19.78 -8.61
N ASN C 110 34.71 19.32 -9.86
CA ASN C 110 33.92 19.97 -10.90
C ASN C 110 32.39 19.83 -10.73
N GLU C 111 31.91 18.72 -10.11
CA GLU C 111 30.51 18.60 -9.79
C GLU C 111 30.13 19.78 -8.86
N ARG C 112 31.00 20.10 -7.89
CA ARG C 112 30.58 21.17 -6.97
C ARG C 112 30.83 22.59 -7.48
N LYS C 113 31.32 22.74 -8.70
CA LYS C 113 31.31 24.04 -9.37
C LYS C 113 29.92 24.21 -9.92
N ILE C 114 29.18 23.10 -10.09
CA ILE C 114 27.81 23.22 -10.58
C ILE C 114 26.76 23.35 -9.48
N GLU C 115 26.82 22.45 -8.48
CA GLU C 115 25.81 22.38 -7.41
C GLU C 115 26.61 22.11 -6.15
N GLY C 116 26.27 22.77 -5.06
CA GLY C 116 27.06 22.69 -3.84
C GLY C 116 28.19 23.68 -3.91
N HIS C 117 29.34 23.35 -3.29
CA HIS C 117 30.47 24.24 -3.33
C HIS C 117 31.73 23.50 -3.06
N VAL C 118 32.81 23.86 -3.74
CA VAL C 118 34.07 23.12 -3.61
C VAL C 118 34.64 23.10 -2.15
N ASN C 119 34.30 24.10 -1.35
CA ASN C 119 34.77 24.17 0.07
C ASN C 119 34.06 23.24 1.05
N TYR C 120 32.92 22.62 0.70
CA TYR C 120 32.28 21.73 1.67
CA TYR C 120 32.21 21.76 1.64
C TYR C 120 31.89 20.42 1.00
N ASP C 121 31.52 19.45 1.83
CA ASP C 121 31.29 18.05 1.36
C ASP C 121 29.82 17.95 1.02
N SER C 122 29.41 18.53 -0.13
CA SER C 122 27.99 18.68 -0.43
C SER C 122 27.34 17.41 -1.05
N GLY C 123 28.17 16.47 -1.47
CA GLY C 123 27.76 15.43 -2.42
C GLY C 123 27.40 16.06 -3.76
N ALA C 124 26.67 15.31 -4.59
CA ALA C 124 26.50 15.75 -5.98
C ALA C 124 25.32 15.05 -6.60
N MET C 125 24.82 15.62 -7.71
CA MET C 125 23.81 14.93 -8.51
C MET C 125 24.54 14.15 -9.59
N ILE C 126 24.06 12.92 -9.83
CA ILE C 126 24.72 12.07 -10.89
C ILE C 126 24.68 12.87 -12.21
N ARG C 127 23.61 13.60 -12.50
CA ARG C 127 23.60 14.31 -13.82
C ARG C 127 24.74 15.32 -13.96
N ASP C 128 25.18 15.85 -12.81
CA ASP C 128 26.28 16.84 -12.79
C ASP C 128 27.64 16.18 -13.00
N GLY C 129 27.85 14.99 -12.42
CA GLY C 129 29.04 14.24 -12.64
C GLY C 129 29.09 13.89 -14.14
N ILE C 130 27.92 13.55 -14.69
CA ILE C 130 27.86 13.18 -16.15
C ILE C 130 28.20 14.44 -16.96
N LYS C 131 27.72 15.60 -16.52
CA LYS C 131 27.97 16.85 -17.25
C LYS C 131 29.48 17.13 -17.25
N VAL C 132 30.12 16.88 -16.12
CA VAL C 132 31.56 17.00 -16.01
C VAL C 132 32.26 16.08 -17.04
N LEU C 133 31.82 14.82 -17.09
CA LEU C 133 32.40 13.87 -18.03
C LEU C 133 32.21 14.28 -19.49
N HIS C 134 31.09 14.92 -19.77
CA HIS C 134 30.78 15.24 -21.19
C HIS C 134 31.54 16.50 -21.61
N LYS C 135 31.67 17.46 -20.70
CA LYS C 135 32.18 18.78 -21.09
C LYS C 135 33.62 18.98 -20.78
N LEU C 136 34.09 18.38 -19.70
CA LEU C 136 35.49 18.46 -19.29
C LEU C 136 36.27 17.16 -19.45
N GLY C 137 35.58 16.02 -19.30
CA GLY C 137 36.27 14.72 -19.25
C GLY C 137 36.73 14.38 -17.85
N VAL C 138 37.80 13.60 -17.79
CA VAL C 138 38.43 13.21 -16.50
C VAL C 138 39.87 12.84 -16.75
N CYS C 139 40.76 13.27 -15.87
CA CYS C 139 42.16 12.93 -16.05
C CYS C 139 42.45 11.67 -15.25
N PRO C 140 43.58 11.00 -15.53
CA PRO C 140 43.94 9.86 -14.69
C PRO C 140 44.12 10.21 -13.21
N GLU C 141 43.70 9.33 -12.32
CA GLU C 141 43.86 9.66 -10.88
C GLU C 141 45.34 9.85 -10.45
N LYS C 142 46.28 9.19 -11.12
CA LYS C 142 47.70 9.37 -10.67
C LYS C 142 48.12 10.84 -10.78
N GLU C 143 47.46 11.52 -11.72
CA GLU C 143 47.67 12.93 -11.95
C GLU C 143 46.88 13.87 -11.01
N TRP C 144 45.73 13.42 -10.50
CA TRP C 144 44.98 14.18 -9.46
C TRP C 144 44.48 13.17 -8.41
N PRO C 145 45.41 12.76 -7.54
CA PRO C 145 45.23 11.59 -6.70
C PRO C 145 44.16 11.79 -5.61
N TYR C 146 43.64 10.68 -5.10
CA TYR C 146 42.51 10.76 -4.21
C TYR C 146 42.96 10.98 -2.79
N GLY C 147 42.15 11.69 -1.99
CA GLY C 147 42.42 11.76 -0.56
C GLY C 147 41.18 12.15 0.17
N ASP C 148 40.81 11.35 1.16
CA ASP C 148 39.46 11.47 1.73
C ASP C 148 39.39 12.32 3.02
N THR C 149 40.34 13.24 3.18
CA THR C 149 40.30 14.12 4.37
C THR C 149 38.94 14.75 4.41
N PRO C 150 38.18 14.56 5.53
CA PRO C 150 36.80 14.94 5.68
C PRO C 150 36.58 16.39 6.11
N ALA C 151 35.32 16.82 6.03
CA ALA C 151 34.92 18.11 6.58
C ALA C 151 35.24 18.19 8.09
N ASP C 152 35.67 19.37 8.53
CA ASP C 152 35.93 19.60 9.96
C ASP C 152 34.56 19.71 10.63
N PRO C 153 34.29 18.88 11.70
CA PRO C 153 32.97 18.92 12.39
C PRO C 153 32.65 20.30 13.03
N ARG C 154 33.70 21.02 13.37
CA ARG C 154 33.58 22.37 13.93
C ARG C 154 33.12 23.43 12.90
N THR C 155 33.59 23.33 11.66
CA THR C 155 33.23 24.33 10.65
C THR C 155 32.26 23.74 9.65
N GLU C 156 32.20 22.40 9.57
CA GLU C 156 31.42 21.70 8.50
C GLU C 156 31.95 22.09 7.08
N GLU C 157 33.18 22.56 7.02
CA GLU C 157 33.82 22.86 5.73
C GLU C 157 35.09 22.06 5.64
N PHE C 158 35.62 21.85 4.44
CA PHE C 158 36.89 21.13 4.33
C PHE C 158 37.94 21.98 4.98
N PRO C 159 38.85 21.32 5.69
CA PRO C 159 39.92 22.11 6.30
C PRO C 159 40.84 22.63 5.24
N PRO C 160 41.63 23.66 5.59
CA PRO C 160 42.68 24.08 4.66
C PRO C 160 43.59 22.90 4.33
N GLY C 161 43.97 22.80 3.08
CA GLY C 161 44.85 21.69 2.61
C GLY C 161 44.10 20.54 1.91
N ALA C 162 42.80 20.40 2.22
CA ALA C 162 42.04 19.14 2.04
C ALA C 162 42.06 18.83 0.57
N PRO C 163 42.57 17.64 0.19
CA PRO C 163 42.64 17.29 -1.22
C PRO C 163 41.28 17.56 -1.95
N ALA C 164 40.14 17.36 -1.30
CA ALA C 164 38.86 17.50 -2.02
C ALA C 164 38.52 18.94 -2.38
N SER C 165 39.13 19.91 -1.71
CA SER C 165 38.80 21.34 -1.89
CA SER C 165 38.79 21.33 -1.90
C SER C 165 39.78 22.01 -2.81
N LYS C 166 40.81 21.27 -3.22
CA LYS C 166 41.89 21.85 -4.03
C LYS C 166 41.53 21.88 -5.52
N LYS C 167 41.74 23.02 -6.19
CA LYS C 167 41.53 23.10 -7.63
C LYS C 167 42.51 22.23 -8.48
N PRO C 168 41.99 21.33 -9.36
CA PRO C 168 42.89 20.54 -10.22
C PRO C 168 43.77 21.48 -11.06
N SER C 169 45.04 21.10 -11.20
CA SER C 169 46.02 21.91 -11.97
C SER C 169 45.55 22.14 -13.40
N ASP C 170 46.19 23.07 -14.09
CA ASP C 170 45.84 23.36 -15.47
CA ASP C 170 45.80 23.32 -15.45
C ASP C 170 46.08 22.16 -16.37
N GLN C 171 47.19 21.45 -16.13
CA GLN C 171 47.53 20.25 -16.93
C GLN C 171 46.42 19.17 -16.73
N CYS C 172 45.98 19.02 -15.49
CA CYS C 172 44.86 18.10 -15.21
C CYS C 172 43.68 18.40 -16.10
N TYR C 173 43.22 19.65 -16.10
CA TYR C 173 42.14 19.98 -17.03
C TYR C 173 42.44 19.69 -18.50
N LYS C 174 43.64 20.10 -18.96
CA LYS C 174 44.06 19.79 -20.30
C LYS C 174 43.97 18.31 -20.59
N ASP C 175 44.58 17.49 -19.74
CA ASP C 175 44.61 16.04 -19.99
C ASP C 175 43.18 15.37 -19.95
N ALA C 176 42.35 15.91 -19.07
CA ALA C 176 41.00 15.38 -18.88
C ALA C 176 40.22 15.43 -20.18
N GLN C 177 40.42 16.47 -21.03
CA GLN C 177 39.65 16.61 -22.32
C GLN C 177 39.75 15.45 -23.26
N ASN C 178 40.79 14.62 -23.11
CA ASN C 178 41.04 13.51 -24.01
C ASN C 178 40.10 12.38 -23.72
N TYR C 179 39.45 12.44 -22.57
CA TYR C 179 38.58 11.32 -22.12
C TYR C 179 37.07 11.64 -21.93
N LYS C 180 36.61 12.70 -22.55
CA LYS C 180 35.20 13.07 -22.57
C LYS C 180 34.32 11.97 -23.11
N ILE C 181 33.17 11.80 -22.49
CA ILE C 181 32.07 11.05 -23.07
C ILE C 181 31.43 11.78 -24.24
N THR C 182 30.70 11.06 -25.05
CA THR C 182 30.03 11.70 -26.16
C THR C 182 28.54 11.73 -26.01
N GLU C 183 27.94 10.83 -25.22
CA GLU C 183 26.52 10.84 -24.99
C GLU C 183 26.17 10.12 -23.67
N TYR C 184 24.95 10.33 -23.25
CA TYR C 184 24.40 9.75 -22.03
C TYR C 184 22.92 9.73 -22.12
N SER C 185 22.38 8.66 -21.55
CA SER C 185 20.95 8.43 -21.52
CA SER C 185 20.94 8.55 -21.47
C SER C 185 20.41 7.90 -20.19
N ARG C 186 19.19 8.24 -19.88
CA ARG C 186 18.46 7.67 -18.73
C ARG C 186 17.78 6.34 -19.00
N VAL C 187 17.94 5.38 -18.10
CA VAL C 187 17.23 4.10 -18.18
C VAL C 187 15.94 4.18 -17.38
N ALA C 188 14.81 3.71 -17.96
CA ALA C 188 13.54 3.69 -17.23
C ALA C 188 13.74 2.74 -16.03
N GLN C 189 13.09 3.07 -14.89
CA GLN C 189 13.09 2.21 -13.70
C GLN C 189 12.11 1.07 -13.94
N ASP C 190 12.57 0.14 -14.73
CA ASP C 190 11.76 -0.95 -15.20
CA ASP C 190 11.75 -0.92 -15.21
C ASP C 190 12.73 -2.09 -15.23
N ILE C 191 12.43 -3.15 -14.48
CA ILE C 191 13.30 -4.34 -14.35
C ILE C 191 13.83 -4.83 -15.69
N ASP C 192 12.97 -4.97 -16.70
CA ASP C 192 13.44 -5.51 -17.97
C ASP C 192 14.34 -4.52 -18.71
N HIS C 193 14.11 -3.21 -18.58
CA HIS C 193 15.05 -2.26 -19.18
C HIS C 193 16.42 -2.24 -18.48
N LEU C 194 16.45 -2.36 -17.15
CA LEU C 194 17.73 -2.45 -16.45
C LEU C 194 18.45 -3.73 -16.89
N LYS C 195 17.70 -4.82 -16.96
CA LYS C 195 18.28 -6.09 -17.45
C LYS C 195 18.76 -5.93 -18.88
N ALA C 196 17.95 -5.33 -19.74
CA ALA C 196 18.34 -5.14 -21.15
C ALA C 196 19.63 -4.40 -21.34
N CYS C 197 19.86 -3.39 -20.49
CA CYS C 197 21.11 -2.66 -20.50
C CYS C 197 22.33 -3.56 -20.24
N LEU C 198 22.27 -4.33 -19.15
CA LEU C 198 23.38 -5.18 -18.78
C LEU C 198 23.52 -6.28 -19.84
N ALA C 199 22.37 -6.74 -20.34
CA ALA C 199 22.37 -7.91 -21.28
C ALA C 199 23.13 -7.61 -22.58
N VAL C 200 23.34 -6.34 -22.95
CA VAL C 200 24.08 -5.98 -24.12
C VAL C 200 25.46 -5.51 -23.68
N GLY C 201 25.75 -5.66 -22.38
CA GLY C 201 27.13 -5.43 -21.93
C GLY C 201 27.40 -4.03 -21.33
N SER C 202 26.35 -3.31 -21.05
CA SER C 202 26.50 -1.94 -20.48
C SER C 202 26.08 -1.85 -19.00
N PRO C 203 26.99 -1.49 -18.13
CA PRO C 203 26.66 -1.20 -16.72
CA PRO C 203 26.66 -1.20 -16.72
C PRO C 203 25.93 0.13 -16.66
N PHE C 204 25.25 0.41 -15.54
CA PHE C 204 24.59 1.70 -15.39
C PHE C 204 24.89 2.18 -13.97
N VAL C 205 24.86 3.50 -13.77
CA VAL C 205 24.94 4.01 -12.41
CA VAL C 205 24.96 4.08 -12.43
C VAL C 205 23.54 4.45 -11.96
N PHE C 206 23.29 4.46 -10.64
CA PHE C 206 22.00 4.96 -10.18
C PHE C 206 22.15 5.30 -8.70
N GLY C 207 21.19 6.04 -8.19
CA GLY C 207 21.21 6.47 -6.77
C GLY C 207 20.16 5.73 -5.98
N PHE C 208 20.39 5.59 -4.69
CA PHE C 208 19.39 4.95 -3.85
C PHE C 208 19.52 5.43 -2.40
N SER C 209 18.42 5.30 -1.64
CA SER C 209 18.38 5.61 -0.22
C SER C 209 18.88 4.45 0.55
N VAL C 210 19.73 4.73 1.54
CA VAL C 210 20.38 3.75 2.40
C VAL C 210 19.68 3.78 3.77
N TYR C 211 19.36 2.60 4.30
CA TYR C 211 18.64 2.48 5.59
C TYR C 211 19.47 1.72 6.64
N ASN C 212 19.21 2.05 7.92
CA ASN C 212 19.81 1.43 9.02
CA ASN C 212 19.98 1.42 8.93
C ASN C 212 19.67 -0.07 9.04
N SER C 213 18.56 -0.56 8.50
CA SER C 213 18.36 -2.02 8.48
C SER C 213 19.44 -2.74 7.70
N TRP C 214 20.07 -2.03 6.75
CA TRP C 214 21.24 -2.50 6.10
C TRP C 214 22.55 -2.09 6.77
N VAL C 215 22.92 -0.80 6.76
CA VAL C 215 24.25 -0.40 7.22
C VAL C 215 24.44 -0.38 8.76
N GLY C 216 23.32 -0.43 9.44
CA GLY C 216 23.25 -0.52 10.94
C GLY C 216 23.53 -1.92 11.46
N ASN C 217 23.51 -2.90 10.53
CA ASN C 217 23.79 -4.26 10.88
C ASN C 217 25.33 -4.47 10.88
N ASN C 218 25.95 -4.69 12.05
CA ASN C 218 27.36 -4.87 12.03
C ASN C 218 27.80 -6.20 11.37
N SER C 219 26.91 -7.21 11.35
CA SER C 219 27.12 -8.47 10.56
C SER C 219 26.65 -8.10 9.17
N LEU C 220 27.33 -7.13 8.52
CA LEU C 220 26.78 -6.48 7.32
C LEU C 220 26.46 -7.45 6.12
N PRO C 221 25.19 -7.54 5.67
CA PRO C 221 24.93 -8.57 4.74
C PRO C 221 25.29 -8.13 3.29
N VAL C 222 25.61 -9.14 2.46
CA VAL C 222 25.93 -8.88 1.04
CA VAL C 222 25.93 -8.86 1.06
C VAL C 222 24.65 -8.55 0.35
N ARG C 223 23.55 -9.14 0.82
CA ARG C 223 22.25 -8.89 0.25
C ARG C 223 21.65 -7.74 1.03
N ILE C 224 21.28 -6.64 0.38
CA ILE C 224 20.63 -5.49 1.05
C ILE C 224 19.19 -5.88 1.33
N PRO C 225 18.76 -5.85 2.61
CA PRO C 225 17.34 -6.15 2.87
C PRO C 225 16.37 -5.04 2.44
N LEU C 226 15.12 -5.39 2.09
CA LEU C 226 14.17 -4.36 1.82
C LEU C 226 13.92 -3.62 3.16
N PRO C 227 13.89 -2.27 3.11
CA PRO C 227 13.62 -1.44 4.27
C PRO C 227 12.25 -1.71 4.85
N THR C 228 12.11 -1.51 6.15
CA THR C 228 10.74 -1.53 6.74
C THR C 228 10.44 -0.14 7.27
N LYS C 229 9.22 0.18 7.67
CA LYS C 229 9.02 1.53 8.28
C LYS C 229 9.50 1.65 9.72
N ASN C 230 9.92 0.53 10.27
CA ASN C 230 10.76 0.55 11.47
C ASN C 230 12.19 1.11 11.28
N ASP C 231 12.49 1.55 10.05
CA ASP C 231 13.93 1.81 9.80
CA ASP C 231 13.81 1.85 9.60
C ASP C 231 14.23 3.30 9.78
N THR C 232 15.49 3.60 9.75
CA THR C 232 15.93 4.99 9.76
C THR C 232 16.65 5.22 8.42
N LEU C 233 16.26 6.27 7.72
CA LEU C 233 17.01 6.70 6.51
C LEU C 233 18.36 7.26 6.95
N GLU C 234 19.45 6.74 6.35
CA GLU C 234 20.83 7.12 6.70
C GLU C 234 21.43 8.09 5.70
N GLY C 235 21.08 7.92 4.42
CA GLY C 235 21.80 8.77 3.42
C GLY C 235 21.36 8.39 2.02
N GLY C 236 21.86 9.16 1.06
CA GLY C 236 21.59 8.88 -0.35
C GLY C 236 22.93 8.51 -0.95
N HIS C 237 22.92 7.38 -1.73
CA HIS C 237 24.19 6.80 -2.16
C HIS C 237 24.08 6.55 -3.69
N ALA C 238 25.21 6.36 -4.37
CA ALA C 238 25.14 6.06 -5.83
C ALA C 238 26.22 5.03 -6.13
N VAL C 239 25.95 4.12 -7.06
CA VAL C 239 26.86 2.97 -7.33
C VAL C 239 26.75 2.62 -8.80
N LEU C 240 27.63 1.75 -9.26
CA LEU C 240 27.60 1.15 -10.61
C LEU C 240 26.93 -0.25 -10.48
N CYS C 241 25.97 -0.55 -11.31
CA CYS C 241 25.35 -1.88 -11.28
C CYS C 241 26.01 -2.66 -12.42
N VAL C 242 26.39 -3.92 -12.14
CA VAL C 242 27.20 -4.68 -13.13
C VAL C 242 26.56 -6.07 -13.40
N GLY C 243 25.39 -6.37 -12.89
CA GLY C 243 24.79 -7.66 -13.31
C GLY C 243 23.45 -7.92 -12.65
N TYR C 244 22.88 -9.10 -12.88
CA TYR C 244 21.63 -9.48 -12.22
C TYR C 244 21.54 -10.98 -12.27
N ASP C 245 20.66 -11.50 -11.44
CA ASP C 245 20.52 -12.98 -11.32
C ASP C 245 19.05 -13.29 -10.97
N ASP C 246 18.31 -13.85 -11.92
CA ASP C 246 16.88 -14.05 -11.76
C ASP C 246 16.66 -15.17 -10.77
N GLU C 247 17.71 -15.94 -10.50
CA GLU C 247 17.60 -17.04 -9.55
C GLU C 247 17.45 -16.55 -8.11
N ILE C 248 18.21 -15.53 -7.69
CA ILE C 248 17.99 -14.90 -6.39
C ILE C 248 17.21 -13.55 -6.49
N ARG C 249 16.89 -13.09 -7.71
CA ARG C 249 16.13 -11.84 -7.99
C ARG C 249 16.86 -10.68 -7.31
N HIS C 250 18.18 -10.60 -7.55
CA HIS C 250 18.97 -9.42 -7.12
C HIS C 250 19.81 -8.88 -8.29
N PHE C 251 20.10 -7.57 -8.27
CA PHE C 251 21.05 -6.98 -9.20
C PHE C 251 22.35 -6.84 -8.42
N ARG C 252 23.49 -7.03 -9.10
CA ARG C 252 24.77 -6.96 -8.54
C ARG C 252 25.34 -5.54 -8.64
N ILE C 253 25.75 -5.03 -7.49
CA ILE C 253 26.24 -3.62 -7.44
C ILE C 253 27.68 -3.54 -6.94
N ARG C 254 28.44 -2.68 -7.59
CA ARG C 254 29.78 -2.38 -7.23
C ARG C 254 29.73 -1.23 -6.21
N ASN C 255 30.10 -1.53 -4.95
CA ASN C 255 30.14 -0.41 -3.99
C ASN C 255 31.53 0.28 -4.04
N SER C 256 31.69 1.36 -3.26
CA SER C 256 32.93 2.12 -3.22
C SER C 256 33.39 2.26 -1.74
N TRP C 257 33.20 1.19 -1.01
CA TRP C 257 33.64 1.16 0.42
C TRP C 257 34.83 0.23 0.68
N GLY C 258 35.65 -0.08 -0.33
CA GLY C 258 36.79 -0.96 -0.13
C GLY C 258 36.37 -2.40 -0.32
N ASN C 259 37.37 -3.29 -0.42
CA ASN C 259 37.14 -4.74 -0.65
C ASN C 259 36.94 -5.61 0.61
N ASN C 260 36.90 -4.97 1.77
CA ASN C 260 36.56 -5.68 3.02
C ASN C 260 35.12 -5.73 3.53
N VAL C 261 34.12 -5.40 2.72
CA VAL C 261 32.76 -5.53 3.05
C VAL C 261 32.07 -6.18 1.85
N GLY C 262 30.93 -6.82 2.06
CA GLY C 262 30.20 -7.46 0.91
C GLY C 262 31.08 -8.62 0.36
N GLU C 263 30.96 -8.91 -0.94
CA GLU C 263 31.87 -9.89 -1.56
C GLU C 263 32.88 -9.09 -2.40
N ASP C 264 34.07 -8.87 -1.80
CA ASP C 264 35.16 -8.05 -2.35
C ASP C 264 34.65 -6.68 -2.76
N GLY C 265 33.75 -6.12 -1.94
CA GLY C 265 33.23 -4.77 -2.15
C GLY C 265 31.98 -4.72 -2.98
N TYR C 266 31.50 -5.84 -3.55
CA TYR C 266 30.21 -5.91 -4.22
C TYR C 266 29.08 -6.44 -3.35
N PHE C 267 27.89 -5.99 -3.67
CA PHE C 267 26.64 -6.41 -2.97
C PHE C 267 25.56 -6.80 -3.93
N TRP C 268 24.51 -7.39 -3.39
CA TRP C 268 23.28 -7.70 -4.07
C TRP C 268 22.13 -6.85 -3.62
N MET C 269 21.37 -6.30 -4.58
CA MET C 269 20.21 -5.44 -4.33
C MET C 269 18.96 -6.12 -4.89
N PRO C 270 17.95 -6.34 -4.05
CA PRO C 270 16.72 -7.01 -4.55
C PRO C 270 16.03 -6.28 -5.72
N TYR C 271 15.43 -7.04 -6.63
CA TYR C 271 14.57 -6.51 -7.67
C TYR C 271 13.50 -5.57 -7.17
N GLU C 272 12.89 -5.88 -6.03
CA GLU C 272 11.82 -5.02 -5.50
C GLU C 272 12.38 -3.75 -4.81
N TYR C 273 13.68 -3.71 -4.55
CA TYR C 273 14.31 -2.48 -4.00
C TYR C 273 14.65 -1.50 -5.15
N ILE C 274 15.32 -2.06 -6.14
CA ILE C 274 15.84 -1.24 -7.23
C ILE C 274 14.67 -0.71 -8.08
N SER C 275 13.51 -1.44 -8.14
CA SER C 275 12.38 -1.03 -8.97
CA SER C 275 12.34 -1.05 -8.94
C SER C 275 11.40 -0.07 -8.25
N ASN C 276 11.60 0.12 -6.95
CA ASN C 276 10.77 1.03 -6.10
C ASN C 276 11.20 2.47 -6.23
N THR C 277 10.30 3.32 -6.78
CA THR C 277 10.57 4.73 -7.10
C THR C 277 10.88 5.53 -5.82
N GLN C 278 10.50 5.01 -4.66
CA GLN C 278 10.77 5.66 -3.39
C GLN C 278 12.09 5.19 -2.81
N LEU C 279 12.73 4.20 -3.48
CA LEU C 279 14.03 3.68 -2.95
C LEU C 279 15.23 3.93 -3.84
N ALA C 280 14.98 4.02 -5.15
CA ALA C 280 16.04 4.16 -6.14
C ALA C 280 15.60 5.07 -7.25
N ASP C 281 16.55 5.75 -7.90
CA ASP C 281 16.19 6.67 -9.00
C ASP C 281 17.46 6.98 -9.76
N ASP C 282 17.29 7.72 -10.86
CA ASP C 282 18.46 8.30 -11.54
C ASP C 282 19.39 7.30 -12.13
N PHE C 283 18.82 6.42 -12.94
CA PHE C 283 19.57 5.39 -13.68
C PHE C 283 20.10 5.97 -14.97
N TRP C 284 21.41 5.91 -15.12
CA TRP C 284 22.12 6.55 -16.26
C TRP C 284 23.10 5.59 -16.88
N VAL C 285 23.18 5.64 -18.21
CA VAL C 285 24.24 4.97 -18.94
CA VAL C 285 24.22 4.97 -19.02
C VAL C 285 24.96 6.04 -19.76
N ILE C 286 26.30 5.92 -19.76
CA ILE C 286 27.21 6.85 -20.47
C ILE C 286 27.85 6.12 -21.65
N LYS C 287 28.26 6.86 -22.70
CA LYS C 287 28.93 6.18 -23.82
C LYS C 287 29.93 7.17 -24.42
N THR C 288 31.03 6.62 -24.94
CA THR C 288 32.01 7.42 -25.70
C THR C 288 32.12 6.78 -27.11
N VAL C 289 31.59 7.48 -28.09
CA VAL C 289 31.56 6.94 -29.48
C VAL C 289 32.78 7.45 -30.22
N ARG C 290 33.61 6.54 -30.76
CA ARG C 290 34.77 6.93 -31.61
C ARG C 290 34.60 6.45 -33.06
N THR D 23 36.66 25.04 -20.72
CA THR D 23 35.20 25.19 -20.44
C THR D 23 34.98 25.70 -19.04
N VAL D 24 34.02 26.60 -18.96
CA VAL D 24 33.54 27.01 -17.68
C VAL D 24 32.23 26.24 -17.48
N LEU D 25 32.20 25.32 -16.52
CA LEU D 25 30.92 24.78 -16.15
C LEU D 25 29.99 25.90 -15.61
N LYS D 26 28.73 25.82 -15.97
CA LYS D 26 27.82 26.83 -15.47
C LYS D 26 27.25 26.33 -14.13
N ARG D 27 27.42 27.14 -13.09
CA ARG D 27 26.84 26.94 -11.75
C ARG D 27 25.32 27.04 -11.88
N ARG D 28 24.62 26.05 -11.36
CA ARG D 28 23.18 26.08 -11.48
CA ARG D 28 23.17 26.04 -11.43
C ARG D 28 22.66 27.24 -10.63
N LYS D 29 21.75 28.03 -11.25
CA LYS D 29 21.19 29.22 -10.59
C LYS D 29 20.41 28.92 -9.30
N LYS D 30 20.77 29.67 -8.24
CA LYS D 30 20.11 29.54 -6.94
C LYS D 30 19.38 30.86 -6.59
N SER D 31 19.98 31.99 -6.95
CA SER D 31 19.38 33.31 -6.71
CA SER D 31 19.39 33.31 -6.70
C SER D 31 17.96 33.37 -7.30
N GLY D 32 16.92 33.57 -6.49
CA GLY D 32 15.55 33.54 -6.97
C GLY D 32 14.89 32.17 -7.02
N TYR D 33 15.66 31.09 -6.87
CA TYR D 33 15.14 29.70 -6.91
C TYR D 33 15.47 29.03 -5.60
N GLY D 34 16.08 27.84 -5.61
CA GLY D 34 16.57 27.23 -4.39
C GLY D 34 15.97 25.90 -3.94
N TYR D 35 15.16 25.28 -4.79
CA TYR D 35 14.60 23.97 -4.46
C TYR D 35 15.58 22.84 -4.94
N ILE D 36 15.93 21.93 -4.03
CA ILE D 36 16.67 20.67 -4.32
C ILE D 36 15.65 19.55 -4.13
N PRO D 37 15.55 18.56 -5.08
CA PRO D 37 14.57 17.45 -4.87
C PRO D 37 14.80 16.66 -3.59
N ASP D 38 13.73 16.33 -2.87
CA ASP D 38 13.84 15.55 -1.66
C ASP D 38 14.50 14.19 -1.95
N ILE D 39 15.39 13.78 -1.08
CA ILE D 39 15.71 12.36 -0.93
C ILE D 39 14.50 11.66 -0.33
N ALA D 40 14.12 10.54 -0.95
CA ALA D 40 12.87 9.94 -0.53
C ALA D 40 13.06 9.17 0.77
N ASP D 41 11.96 9.06 1.55
CA ASP D 41 12.02 8.39 2.87
C ASP D 41 10.76 7.59 2.96
N ILE D 42 10.90 6.25 3.10
CA ILE D 42 9.65 5.44 3.02
C ILE D 42 8.75 5.60 4.22
N ARG D 43 9.26 6.25 5.27
CA ARG D 43 8.39 6.59 6.40
C ARG D 43 7.53 7.80 6.14
N ASP D 44 7.66 8.45 4.98
CA ASP D 44 6.90 9.68 4.77
C ASP D 44 5.37 9.44 4.85
N PHE D 45 4.69 10.29 5.62
CA PHE D 45 3.25 10.07 5.80
C PHE D 45 2.59 10.38 4.52
N SER D 46 1.40 9.82 4.32
CA SER D 46 0.60 10.07 3.16
C SER D 46 -0.61 10.91 3.51
N TYR D 47 -0.87 11.94 2.72
CA TYR D 47 -2.05 12.74 2.89
C TYR D 47 -3.25 11.97 2.34
N THR D 48 -4.19 11.64 3.24
CA THR D 48 -5.35 10.84 2.84
C THR D 48 -6.57 11.78 2.64
N PRO D 49 -6.98 11.98 1.40
CA PRO D 49 -8.15 12.79 1.14
C PRO D 49 -9.40 11.97 1.52
N GLU D 50 -10.37 12.55 2.24
CA GLU D 50 -11.67 11.78 2.38
C GLU D 50 -12.29 11.55 0.99
N LYS D 51 -12.79 10.31 0.79
CA LYS D 51 -13.31 9.87 -0.51
C LYS D 51 -14.54 10.64 -0.94
N SER D 52 -15.21 11.29 0.03
CA SER D 52 -16.42 12.08 -0.27
C SER D 52 -16.09 13.33 -1.09
N VAL D 53 -15.03 14.02 -0.64
CA VAL D 53 -14.51 15.23 -1.27
C VAL D 53 -13.97 14.94 -2.68
N ILE D 54 -13.13 13.91 -2.81
CA ILE D 54 -12.69 13.47 -4.13
C ILE D 54 -13.86 13.18 -5.06
N ALA D 55 -14.96 12.62 -4.51
CA ALA D 55 -16.18 12.33 -5.30
C ALA D 55 -16.93 13.60 -5.74
N ALA D 56 -17.03 14.56 -4.82
CA ALA D 56 -17.67 15.84 -5.10
C ALA D 56 -16.64 16.97 -5.25
N LEU D 57 -15.78 16.91 -6.27
CA LEU D 57 -14.72 17.97 -6.40
C LEU D 57 -15.36 19.19 -7.06
N PRO D 58 -15.24 20.39 -6.46
CA PRO D 58 -15.77 21.52 -7.18
C PRO D 58 -14.97 21.83 -8.46
N PRO D 59 -15.56 22.63 -9.39
CA PRO D 59 -14.68 23.01 -10.48
C PRO D 59 -13.73 24.21 -10.15
N LYS D 60 -13.82 24.87 -9.00
CA LYS D 60 -12.81 25.88 -8.65
C LYS D 60 -12.62 25.96 -7.15
N VAL D 61 -11.39 26.24 -6.74
CA VAL D 61 -11.08 26.59 -5.36
C VAL D 61 -10.15 27.76 -5.41
N ASP D 62 -10.33 28.73 -4.52
CA ASP D 62 -9.40 29.80 -4.38
C ASP D 62 -9.09 30.09 -2.93
N LEU D 63 -7.93 29.71 -2.48
CA LEU D 63 -7.61 29.95 -1.11
C LEU D 63 -6.71 31.16 -0.97
N THR D 64 -6.49 31.95 -2.03
CA THR D 64 -5.58 33.13 -1.99
C THR D 64 -5.78 33.91 -0.68
N PRO D 65 -4.73 33.98 0.14
CA PRO D 65 -4.89 34.57 1.44
C PRO D 65 -4.81 36.12 1.39
N PRO D 66 -5.10 36.79 2.54
CA PRO D 66 -5.02 38.25 2.40
C PRO D 66 -3.57 38.79 2.37
N PHE D 67 -2.62 38.06 2.96
CA PHE D 67 -1.25 38.56 3.06
C PHE D 67 -0.54 38.60 1.67
N GLN D 68 0.17 39.71 1.43
CA GLN D 68 0.76 39.92 0.10
CA GLN D 68 0.79 39.94 0.13
C GLN D 68 1.89 38.88 -0.16
N VAL D 69 2.22 38.66 -1.43
CA VAL D 69 3.39 37.80 -1.67
C VAL D 69 4.65 38.36 -1.03
N TYR D 70 5.58 37.46 -0.74
CA TYR D 70 6.86 37.86 -0.36
C TYR D 70 7.76 38.06 -1.58
N ASP D 71 8.97 38.58 -1.30
CA ASP D 71 10.01 38.71 -2.34
C ASP D 71 11.23 38.13 -1.80
N GLN D 72 11.65 36.95 -2.31
CA GLN D 72 12.86 36.32 -1.82
C GLN D 72 14.13 36.97 -2.26
N GLY D 73 14.02 37.75 -3.30
CA GLY D 73 15.16 38.53 -3.78
C GLY D 73 16.27 37.61 -4.30
N ARG D 74 17.50 37.96 -4.00
CA ARG D 74 18.65 37.41 -4.70
C ARG D 74 19.29 36.15 -4.11
N ILE D 75 18.52 35.37 -3.33
CA ILE D 75 19.10 34.21 -2.70
C ILE D 75 18.13 33.04 -2.92
N GLY D 76 18.61 31.87 -2.56
CA GLY D 76 17.99 30.58 -2.92
C GLY D 76 17.04 30.06 -1.85
N SER D 77 16.16 30.96 -1.38
CA SER D 77 15.38 30.65 -0.19
C SER D 77 13.95 30.27 -0.56
N CYS D 78 13.68 29.82 -1.82
CA CYS D 78 12.29 29.60 -2.22
C CYS D 78 11.56 28.63 -1.26
N THR D 79 12.21 27.58 -0.81
CA THR D 79 11.52 26.59 0.07
C THR D 79 11.06 27.25 1.41
N ALA D 80 11.97 28.10 1.98
CA ALA D 80 11.60 28.89 3.21
C ALA D 80 10.46 29.86 2.93
N ASN D 81 10.43 30.52 1.75
CA ASN D 81 9.30 31.34 1.37
C ASN D 81 7.95 30.64 1.20
N ALA D 82 7.94 29.48 0.51
CA ALA D 82 6.75 28.68 0.39
C ALA D 82 6.30 28.17 1.81
N LEU D 83 7.22 27.68 2.62
CA LEU D 83 6.88 27.08 3.93
C LEU D 83 6.44 28.22 4.89
N ALA D 84 7.10 29.37 4.80
CA ALA D 84 6.62 30.48 5.66
C ALA D 84 5.22 30.85 5.36
N ALA D 85 4.84 30.93 4.06
CA ALA D 85 3.46 31.25 3.70
C ALA D 85 2.47 30.16 4.18
N ALA D 86 2.95 28.92 4.17
CA ALA D 86 2.07 27.81 4.64
C ALA D 86 1.80 27.99 6.18
N ILE D 87 2.81 28.44 6.90
CA ILE D 87 2.70 28.56 8.37
C ILE D 87 1.77 29.77 8.57
N GLN D 88 2.02 30.87 7.84
CA GLN D 88 1.15 32.05 7.98
C GLN D 88 -0.29 31.78 7.58
N PHE D 89 -0.49 30.96 6.55
CA PHE D 89 -1.81 30.60 6.12
C PHE D 89 -2.52 29.80 7.21
N GLU D 90 -1.85 28.78 7.74
CA GLU D 90 -2.44 27.87 8.74
C GLU D 90 -2.77 28.66 10.02
N ARG D 91 -1.81 29.48 10.51
CA ARG D 91 -2.05 30.27 11.74
CA ARG D 91 -2.03 30.31 11.73
C ARG D 91 -3.27 31.19 11.61
N ILE D 92 -3.51 31.74 10.41
CA ILE D 92 -4.72 32.50 10.16
C ILE D 92 -5.94 31.64 10.18
N HIS D 93 -5.91 30.57 9.39
CA HIS D 93 -7.01 29.56 9.38
C HIS D 93 -7.48 29.09 10.80
N ASP D 94 -6.53 28.87 11.69
CA ASP D 94 -6.77 28.41 13.07
C ASP D 94 -6.81 29.57 14.13
N LYS D 95 -7.00 30.79 13.64
CA LYS D 95 -7.21 32.02 14.46
C LYS D 95 -6.13 32.22 15.54
N GLN D 96 -4.89 32.10 15.09
CA GLN D 96 -3.78 32.27 15.98
C GLN D 96 -3.37 33.70 15.93
N SER D 97 -3.16 34.26 17.13
CA SER D 97 -2.72 35.62 17.34
CA SER D 97 -2.71 35.62 17.28
C SER D 97 -1.32 35.57 17.90
N PRO D 98 -0.47 36.61 17.61
CA PRO D 98 -0.72 37.69 16.63
C PRO D 98 -0.49 37.13 15.20
N GLU D 99 -1.04 37.79 14.18
CA GLU D 99 -0.57 37.50 12.85
C GLU D 99 0.85 38.04 12.61
N PHE D 100 1.69 37.24 11.96
CA PHE D 100 3.06 37.68 11.69
C PHE D 100 3.57 36.96 10.44
N ILE D 101 4.49 37.58 9.71
CA ILE D 101 5.21 36.86 8.64
C ILE D 101 6.27 36.05 9.36
N PRO D 102 6.34 34.71 9.14
CA PRO D 102 7.44 33.94 9.76
C PRO D 102 8.77 34.21 9.11
N SER D 103 9.86 34.12 9.91
CA SER D 103 11.21 34.43 9.53
C SER D 103 11.67 33.43 8.46
N ARG D 104 11.70 33.90 7.21
CA ARG D 104 12.24 33.08 6.13
C ARG D 104 13.68 32.72 6.32
N LEU D 105 14.55 33.65 6.84
CA LEU D 105 15.94 33.32 7.05
C LEU D 105 16.06 32.35 8.20
N PHE D 106 15.13 32.40 9.18
CA PHE D 106 15.17 31.41 10.27
C PHE D 106 15.07 29.99 9.70
N ILE D 107 14.11 29.83 8.80
CA ILE D 107 13.87 28.52 8.10
C ILE D 107 15.08 28.18 7.28
N TYR D 108 15.50 29.12 6.44
CA TYR D 108 16.64 28.90 5.50
C TYR D 108 17.94 28.59 6.19
N TYR D 109 18.24 29.33 7.30
CA TYR D 109 19.45 29.02 8.06
C TYR D 109 19.49 27.56 8.57
N ASN D 110 18.43 27.17 9.27
CA ASN D 110 18.31 25.84 9.85
C ASN D 110 18.21 24.72 8.78
N GLU D 111 17.56 25.00 7.66
CA GLU D 111 17.67 24.01 6.55
C GLU D 111 19.07 23.72 6.22
N ARG D 112 19.95 24.75 6.13
CA ARG D 112 21.31 24.47 5.72
C ARG D 112 22.21 23.90 6.84
N LYS D 113 21.67 23.71 8.06
CA LYS D 113 22.34 22.89 9.03
C LYS D 113 22.14 21.42 8.76
N ILE D 114 21.02 21.09 8.11
CA ILE D 114 20.76 19.69 7.73
C ILE D 114 21.50 19.32 6.44
N GLU D 115 21.41 20.18 5.43
CA GLU D 115 21.85 19.79 4.07
C GLU D 115 22.23 21.08 3.42
N GLY D 116 23.45 21.13 2.91
CA GLY D 116 24.00 22.37 2.30
C GLY D 116 24.84 22.98 3.39
N HIS D 117 25.03 24.31 3.40
CA HIS D 117 25.92 24.94 4.38
C HIS D 117 25.50 26.38 4.61
N VAL D 118 25.44 26.80 5.88
CA VAL D 118 24.96 28.11 6.19
C VAL D 118 25.77 29.27 5.55
N ASN D 119 27.02 29.05 5.19
CA ASN D 119 27.84 30.10 4.53
C ASN D 119 27.70 30.22 3.04
N TYR D 120 26.84 29.39 2.43
CA TYR D 120 26.74 29.33 0.98
CA TYR D 120 26.69 29.47 0.98
C TYR D 120 25.26 29.32 0.58
N ASP D 121 24.96 29.80 -0.61
CA ASP D 121 23.56 29.89 -1.04
C ASP D 121 23.15 28.56 -1.67
N SER D 122 23.01 27.54 -0.84
CA SER D 122 22.92 26.17 -1.38
C SER D 122 21.52 25.76 -1.86
N GLY D 123 20.48 26.52 -1.50
CA GLY D 123 19.10 26.08 -1.69
C GLY D 123 18.77 25.03 -0.57
N ALA D 124 17.69 24.27 -0.72
CA ALA D 124 17.34 23.29 0.32
C ALA D 124 16.32 22.33 -0.22
N MET D 125 16.18 21.19 0.47
CA MET D 125 15.03 20.35 0.16
C MET D 125 13.81 20.76 1.00
N ILE D 126 12.62 20.76 0.37
CA ILE D 126 11.37 21.04 1.09
C ILE D 126 11.27 20.20 2.37
N ARG D 127 11.60 18.91 2.34
CA ARG D 127 11.48 18.12 3.57
C ARG D 127 12.38 18.59 4.70
N ASP D 128 13.49 19.28 4.40
CA ASP D 128 14.31 19.77 5.46
C ASP D 128 13.74 21.05 6.05
N GLY D 129 13.11 21.87 5.19
CA GLY D 129 12.34 23.06 5.65
C GLY D 129 11.26 22.57 6.63
N ILE D 130 10.66 21.46 6.29
CA ILE D 130 9.63 20.89 7.15
C ILE D 130 10.21 20.30 8.39
N LYS D 131 11.34 19.61 8.34
CA LYS D 131 12.03 19.14 9.55
C LYS D 131 12.25 20.33 10.54
N VAL D 132 12.65 21.46 9.97
CA VAL D 132 12.97 22.67 10.80
C VAL D 132 11.70 23.08 11.51
N LEU D 133 10.62 23.24 10.78
CA LEU D 133 9.35 23.60 11.35
C LEU D 133 8.84 22.63 12.39
N HIS D 134 9.07 21.35 12.16
CA HIS D 134 8.70 20.31 13.19
C HIS D 134 9.48 20.34 14.50
N LYS D 135 10.80 20.45 14.37
CA LYS D 135 11.71 20.25 15.44
C LYS D 135 12.05 21.54 16.16
N LEU D 136 12.00 22.63 15.39
CA LEU D 136 12.38 23.96 15.88
C LEU D 136 11.25 24.96 15.82
N GLY D 137 10.33 24.85 14.86
CA GLY D 137 9.34 25.86 14.63
C GLY D 137 9.98 26.99 13.83
N VAL D 138 9.43 28.20 14.01
CA VAL D 138 9.97 29.39 13.32
C VAL D 138 9.51 30.60 14.12
N CYS D 139 10.39 31.60 14.18
CA CYS D 139 10.05 32.84 14.91
C CYS D 139 9.51 33.86 13.92
N PRO D 140 8.92 34.96 14.46
CA PRO D 140 8.47 36.03 13.60
C PRO D 140 9.62 36.70 12.81
N GLU D 141 9.32 36.98 11.54
CA GLU D 141 10.33 37.66 10.72
C GLU D 141 10.67 39.05 11.34
N LYS D 142 9.77 39.60 12.13
CA LYS D 142 10.07 40.95 12.70
C LYS D 142 11.15 40.82 13.71
N GLU D 143 11.31 39.60 14.25
CA GLU D 143 12.38 39.25 15.17
C GLU D 143 13.63 38.73 14.53
N TRP D 144 13.49 38.16 13.31
CA TRP D 144 14.70 37.76 12.56
C TRP D 144 14.46 38.15 11.07
N PRO D 145 14.78 39.42 10.74
CA PRO D 145 14.21 39.98 9.52
C PRO D 145 14.94 39.49 8.25
N TYR D 146 14.25 39.67 7.14
CA TYR D 146 14.81 39.16 5.86
C TYR D 146 15.84 40.10 5.28
N GLY D 147 16.98 39.58 4.82
CA GLY D 147 17.87 40.38 3.98
C GLY D 147 18.38 39.52 2.87
N ASP D 148 18.34 40.02 1.64
CA ASP D 148 18.67 39.10 0.51
C ASP D 148 20.07 39.36 -0.06
N THR D 149 21.04 39.99 0.67
CA THR D 149 22.44 40.07 0.24
C THR D 149 22.93 38.73 -0.33
N PRO D 150 23.30 38.69 -1.62
CA PRO D 150 23.63 37.40 -2.24
C PRO D 150 24.97 36.84 -1.97
N ALA D 151 25.20 35.61 -2.45
CA ALA D 151 26.55 35.08 -2.39
C ALA D 151 27.46 35.95 -3.30
N ASP D 152 28.70 36.11 -2.91
CA ASP D 152 29.70 36.84 -3.72
C ASP D 152 29.95 36.12 -5.05
N PRO D 153 29.87 36.84 -6.22
CA PRO D 153 30.01 36.15 -7.52
C PRO D 153 31.33 35.39 -7.65
N ARG D 154 32.43 35.97 -7.15
CA ARG D 154 33.70 35.30 -7.30
C ARG D 154 33.92 34.08 -6.43
N THR D 155 33.55 34.18 -5.16
CA THR D 155 33.89 33.13 -4.21
C THR D 155 32.74 32.14 -4.10
N GLU D 156 31.56 32.58 -4.53
CA GLU D 156 30.23 31.90 -4.36
C GLU D 156 29.91 31.54 -2.92
N GLU D 157 30.37 32.40 -1.99
CA GLU D 157 30.14 32.29 -0.54
C GLU D 157 29.48 33.61 -0.12
N PHE D 158 28.49 33.53 0.78
CA PHE D 158 27.97 34.75 1.38
C PHE D 158 29.07 35.62 1.94
N PRO D 159 29.00 36.93 1.66
CA PRO D 159 30.08 37.77 2.21
C PRO D 159 29.91 37.87 3.72
N PRO D 160 30.93 38.35 4.43
CA PRO D 160 30.77 38.69 5.87
C PRO D 160 29.61 39.65 6.15
N GLY D 161 28.93 39.38 7.24
CA GLY D 161 27.68 39.96 7.62
C GLY D 161 26.44 39.77 6.78
N ALA D 162 26.49 38.96 5.68
CA ALA D 162 25.24 38.69 4.93
C ALA D 162 24.21 38.13 5.93
N PRO D 163 22.96 38.63 5.94
CA PRO D 163 21.89 38.21 6.85
C PRO D 163 21.62 36.72 6.69
N ALA D 164 21.66 36.21 5.43
CA ALA D 164 21.45 34.74 5.27
C ALA D 164 22.43 33.84 5.97
N SER D 165 23.69 34.25 6.25
CA SER D 165 24.62 33.36 6.83
C SER D 165 24.68 33.59 8.40
N LYS D 166 23.84 34.46 8.92
CA LYS D 166 23.84 34.80 10.39
C LYS D 166 22.98 33.85 11.20
N LYS D 167 23.59 33.32 12.26
CA LYS D 167 22.88 32.50 13.25
C LYS D 167 21.88 33.31 14.02
N PRO D 168 20.59 32.91 13.95
CA PRO D 168 19.50 33.44 14.75
C PRO D 168 19.90 33.37 16.25
N SER D 169 19.51 34.43 16.96
CA SER D 169 19.88 34.59 18.37
C SER D 169 19.05 33.58 19.15
N ASP D 170 19.55 33.27 20.34
CA ASP D 170 18.85 32.37 21.24
C ASP D 170 17.41 32.65 21.43
N GLN D 171 17.07 33.95 21.61
CA GLN D 171 15.67 34.35 21.74
C GLN D 171 14.82 33.96 20.55
N CYS D 172 15.35 34.13 19.33
CA CYS D 172 14.68 33.61 18.12
C CYS D 172 14.34 32.09 18.21
N TYR D 173 15.31 31.30 18.62
CA TYR D 173 15.13 29.85 18.77
C TYR D 173 14.14 29.54 19.89
N LYS D 174 14.25 30.26 21.01
CA LYS D 174 13.26 30.07 22.09
C LYS D 174 11.87 30.36 21.61
N ASP D 175 11.69 31.55 21.02
CA ASP D 175 10.40 31.97 20.50
CA ASP D 175 10.37 31.95 20.55
C ASP D 175 9.85 31.06 19.39
N ALA D 176 10.76 30.60 18.52
CA ALA D 176 10.42 29.70 17.38
C ALA D 176 9.69 28.45 17.87
N GLN D 177 10.13 27.96 19.06
CA GLN D 177 9.52 26.75 19.68
C GLN D 177 8.06 26.87 19.84
N ASN D 178 7.54 28.11 19.95
CA ASN D 178 6.13 28.27 20.14
C ASN D 178 5.32 27.97 18.96
N TYR D 179 5.95 27.80 17.79
CA TYR D 179 5.21 27.76 16.53
C TYR D 179 5.51 26.48 15.72
N LYS D 180 6.13 25.50 16.37
CA LYS D 180 6.30 24.15 15.74
C LYS D 180 5.05 23.57 15.10
N ILE D 181 5.20 22.87 13.96
CA ILE D 181 4.10 22.07 13.41
C ILE D 181 4.06 20.74 14.14
N THR D 182 2.96 20.05 14.00
CA THR D 182 2.88 18.73 14.66
C THR D 182 2.85 17.52 13.71
N GLU D 183 2.43 17.72 12.44
CA GLU D 183 2.58 16.63 11.46
C GLU D 183 2.75 17.22 10.04
N TYR D 184 3.19 16.34 9.16
CA TYR D 184 3.28 16.71 7.77
C TYR D 184 3.19 15.42 6.93
N SER D 185 2.66 15.57 5.74
CA SER D 185 2.39 14.45 4.87
C SER D 185 2.52 14.77 3.36
N ARG D 186 2.88 13.78 2.56
CA ARG D 186 2.98 13.94 1.12
C ARG D 186 1.64 13.75 0.43
N VAL D 187 1.37 14.64 -0.50
CA VAL D 187 0.16 14.52 -1.33
C VAL D 187 0.58 13.79 -2.59
N ALA D 188 -0.19 12.77 -3.00
CA ALA D 188 0.06 12.08 -4.25
C ALA D 188 -0.01 13.01 -5.45
N GLN D 189 0.89 12.80 -6.40
CA GLN D 189 0.90 13.58 -7.66
C GLN D 189 -0.14 13.03 -8.56
N ASP D 190 -1.37 13.35 -8.20
CA ASP D 190 -2.55 12.84 -8.86
C ASP D 190 -3.41 14.08 -8.84
N ILE D 191 -3.83 14.55 -10.00
CA ILE D 191 -4.64 15.81 -10.08
C ILE D 191 -5.85 15.86 -9.13
N ASP D 192 -6.52 14.71 -8.92
CA ASP D 192 -7.60 14.69 -7.94
C ASP D 192 -7.19 14.84 -6.49
N HIS D 193 -6.04 14.28 -6.11
CA HIS D 193 -5.59 14.44 -4.73
CA HIS D 193 -5.54 14.39 -4.74
C HIS D 193 -5.16 15.88 -4.47
N LEU D 194 -4.49 16.50 -5.44
CA LEU D 194 -4.11 17.93 -5.34
C LEU D 194 -5.37 18.80 -5.18
N LYS D 195 -6.34 18.58 -6.07
CA LYS D 195 -7.67 19.20 -5.97
C LYS D 195 -8.32 19.00 -4.62
N ALA D 196 -8.24 17.79 -4.09
CA ALA D 196 -8.99 17.44 -2.91
C ALA D 196 -8.43 18.13 -1.72
N CYS D 197 -7.09 18.30 -1.68
CA CYS D 197 -6.39 19.01 -0.63
C CYS D 197 -6.93 20.44 -0.57
N LEU D 198 -6.92 21.10 -1.71
CA LEU D 198 -7.38 22.49 -1.79
C LEU D 198 -8.88 22.62 -1.48
N ALA D 199 -9.68 21.71 -2.05
CA ALA D 199 -11.12 21.59 -1.71
C ALA D 199 -11.52 21.54 -0.24
N VAL D 200 -10.65 21.12 0.69
CA VAL D 200 -10.96 21.17 2.14
C VAL D 200 -10.30 22.35 2.84
N GLY D 201 -9.69 23.21 2.02
CA GLY D 201 -9.12 24.46 2.53
C GLY D 201 -7.64 24.40 2.85
N SER D 202 -6.94 23.35 2.38
CA SER D 202 -5.51 23.22 2.71
C SER D 202 -4.63 23.53 1.48
N PRO D 203 -3.79 24.57 1.57
CA PRO D 203 -2.79 24.68 0.51
C PRO D 203 -1.73 23.56 0.65
N PHE D 204 -0.94 23.41 -0.45
CA PHE D 204 0.26 22.58 -0.34
C PHE D 204 1.49 23.29 -0.93
N VAL D 205 2.68 22.89 -0.50
CA VAL D 205 3.99 23.35 -1.07
CA VAL D 205 3.89 23.36 -1.21
C VAL D 205 4.43 22.28 -2.12
N PHE D 206 5.04 22.68 -3.24
CA PHE D 206 5.71 21.65 -4.06
C PHE D 206 6.88 22.28 -4.76
N GLY D 207 7.71 21.47 -5.40
CA GLY D 207 8.87 21.96 -6.15
C GLY D 207 8.70 21.61 -7.66
N PHE D 208 9.36 22.39 -8.52
CA PHE D 208 9.28 22.11 -9.93
C PHE D 208 10.43 22.69 -10.67
N SER D 209 10.71 22.12 -11.86
CA SER D 209 11.74 22.60 -12.72
C SER D 209 11.26 23.80 -13.51
N VAL D 210 12.11 24.81 -13.62
CA VAL D 210 11.77 26.13 -14.27
CA VAL D 210 11.69 26.05 -14.35
C VAL D 210 12.51 26.19 -15.61
N TYR D 211 11.84 26.61 -16.66
CA TYR D 211 12.47 26.71 -17.99
C TYR D 211 12.44 28.11 -18.58
N ASN D 212 13.34 28.38 -19.53
CA ASN D 212 13.44 29.75 -20.12
C ASN D 212 12.13 30.16 -20.83
N SER D 213 11.30 29.22 -21.24
CA SER D 213 10.01 29.59 -21.80
C SER D 213 9.10 30.42 -20.85
N TRP D 214 9.35 30.33 -19.54
CA TRP D 214 8.59 31.13 -18.57
C TRP D 214 9.44 32.33 -18.13
N VAL D 215 10.67 32.11 -17.76
CA VAL D 215 11.45 33.18 -17.10
C VAL D 215 12.38 33.91 -18.06
N GLY D 216 12.54 33.47 -19.32
CA GLY D 216 13.57 34.05 -20.23
C GLY D 216 13.27 35.52 -20.41
N ASN D 217 14.31 36.35 -20.31
CA ASN D 217 14.17 37.80 -20.49
C ASN D 217 13.25 38.45 -19.51
N ASN D 218 13.02 37.79 -18.35
CA ASN D 218 11.98 38.18 -17.36
C ASN D 218 10.59 38.40 -17.98
N SER D 219 10.28 37.65 -19.04
CA SER D 219 8.99 37.76 -19.67
C SER D 219 7.90 37.38 -18.69
N LEU D 220 8.06 36.25 -18.00
CA LEU D 220 7.16 35.84 -16.93
C LEU D 220 5.64 36.01 -17.23
N PRO D 221 5.16 35.31 -18.27
CA PRO D 221 3.70 35.32 -18.43
C PRO D 221 2.94 34.76 -17.21
N VAL D 222 1.75 35.29 -16.95
CA VAL D 222 0.89 34.74 -15.86
C VAL D 222 0.69 33.21 -15.96
N ARG D 223 0.37 32.76 -17.16
CA ARG D 223 0.23 31.34 -17.48
C ARG D 223 1.60 30.80 -17.85
N ILE D 224 2.08 29.86 -17.07
CA ILE D 224 3.39 29.25 -17.32
C ILE D 224 3.23 28.29 -18.52
N PRO D 225 4.05 28.49 -19.59
CA PRO D 225 4.01 27.58 -20.74
C PRO D 225 4.45 26.17 -20.37
N LEU D 226 3.76 25.16 -20.92
CA LEU D 226 4.30 23.80 -20.82
C LEU D 226 5.62 23.72 -21.54
N PRO D 227 6.67 23.18 -20.87
CA PRO D 227 8.00 23.22 -21.47
C PRO D 227 8.10 22.25 -22.63
N THR D 228 8.95 22.56 -23.57
CA THR D 228 9.27 21.61 -24.65
C THR D 228 10.73 21.26 -24.59
N LYS D 229 11.14 20.27 -25.41
CA LYS D 229 12.57 19.98 -25.55
C LYS D 229 13.40 21.04 -26.24
N ASN D 230 12.82 22.10 -26.79
CA ASN D 230 13.69 23.17 -27.31
C ASN D 230 14.03 24.23 -26.25
N ASP D 231 13.36 24.09 -25.11
CA ASP D 231 13.57 25.00 -23.98
C ASP D 231 14.85 24.62 -23.23
N THR D 232 15.26 25.50 -22.32
CA THR D 232 16.41 25.30 -21.45
CA THR D 232 16.42 25.26 -21.47
C THR D 232 16.03 25.30 -19.96
N LEU D 233 16.51 24.29 -19.24
CA LEU D 233 16.22 24.21 -17.80
C LEU D 233 17.05 25.29 -17.10
N GLU D 234 16.40 26.09 -16.25
CA GLU D 234 17.03 27.24 -15.61
C GLU D 234 17.27 26.99 -14.13
N GLY D 235 16.47 26.15 -13.52
CA GLY D 235 16.64 25.98 -12.02
C GLY D 235 15.48 25.24 -11.43
N GLY D 236 15.57 24.96 -10.11
CA GLY D 236 14.46 24.29 -9.40
C GLY D 236 13.84 25.28 -8.43
N HIS D 237 12.55 25.33 -8.41
CA HIS D 237 11.88 26.37 -7.62
C HIS D 237 10.81 25.72 -6.75
N ALA D 238 10.35 26.37 -5.67
CA ALA D 238 9.26 25.75 -4.81
C ALA D 238 8.30 26.87 -4.47
N VAL D 239 6.98 26.55 -4.38
CA VAL D 239 5.92 27.55 -4.26
C VAL D 239 4.79 26.96 -3.46
N LEU D 240 4.00 27.84 -2.86
CA LEU D 240 2.71 27.47 -2.32
C LEU D 240 1.61 27.46 -3.35
N CYS D 241 0.85 26.36 -3.41
CA CYS D 241 -0.30 26.25 -4.35
C CYS D 241 -1.62 26.57 -3.60
N VAL D 242 -2.42 27.45 -4.19
CA VAL D 242 -3.57 28.03 -3.44
C VAL D 242 -4.95 27.83 -4.08
N GLY D 243 -5.00 27.10 -5.17
CA GLY D 243 -6.30 26.88 -5.85
C GLY D 243 -6.16 26.24 -7.20
N TYR D 244 -7.30 26.04 -7.87
CA TYR D 244 -7.36 25.50 -9.24
C TYR D 244 -8.63 25.99 -9.86
N ASP D 245 -8.70 25.89 -11.17
CA ASP D 245 -9.83 26.35 -11.94
C ASP D 245 -9.91 25.44 -13.18
N ASP D 246 -10.81 24.44 -13.15
CA ASP D 246 -11.06 23.59 -14.33
C ASP D 246 -11.49 24.40 -15.57
N GLU D 247 -11.95 25.64 -15.35
CA GLU D 247 -12.42 26.43 -16.48
C GLU D 247 -11.22 26.56 -17.43
N ILE D 248 -10.02 26.71 -16.84
CA ILE D 248 -8.82 26.89 -17.62
C ILE D 248 -7.80 25.75 -17.43
N ARG D 249 -8.09 24.80 -16.54
CA ARG D 249 -7.14 23.74 -16.29
C ARG D 249 -5.77 24.31 -15.90
N HIS D 250 -5.78 25.17 -14.89
CA HIS D 250 -4.55 25.55 -14.24
C HIS D 250 -4.74 25.59 -12.76
N PHE D 251 -3.67 25.29 -12.03
CA PHE D 251 -3.59 25.52 -10.61
C PHE D 251 -2.98 26.90 -10.34
N ARG D 252 -3.38 27.47 -9.22
CA ARG D 252 -2.94 28.81 -8.84
C ARG D 252 -1.78 28.76 -7.89
N ILE D 253 -0.64 29.41 -8.24
CA ILE D 253 0.52 29.30 -7.38
C ILE D 253 0.91 30.71 -6.87
N ARG D 254 1.21 30.77 -5.60
CA ARG D 254 1.69 31.97 -4.98
C ARG D 254 3.17 31.95 -5.18
N ASN D 255 3.72 32.91 -5.92
CA ASN D 255 5.17 32.92 -6.07
C ASN D 255 5.86 33.84 -5.07
N SER D 256 7.20 33.91 -5.07
CA SER D 256 7.92 34.67 -4.12
C SER D 256 8.94 35.66 -4.76
N TRP D 257 8.45 36.29 -5.80
CA TRP D 257 9.26 37.19 -6.64
C TRP D 257 8.71 38.61 -6.55
N GLY D 258 7.98 38.89 -5.44
CA GLY D 258 7.29 40.20 -5.38
C GLY D 258 5.99 40.36 -6.11
N ASN D 259 5.32 41.54 -5.92
CA ASN D 259 3.96 41.68 -6.41
CA ASN D 259 3.95 41.68 -6.42
C ASN D 259 3.88 42.40 -7.76
N ASN D 260 5.04 42.65 -8.39
CA ASN D 260 5.04 43.33 -9.72
C ASN D 260 5.33 42.41 -10.89
N VAL D 261 5.19 41.11 -10.65
CA VAL D 261 5.27 40.11 -11.68
C VAL D 261 3.98 39.28 -11.56
N GLY D 262 3.54 38.63 -12.64
CA GLY D 262 2.33 37.80 -12.63
C GLY D 262 1.11 38.67 -12.38
N GLU D 263 0.17 38.14 -11.60
CA GLU D 263 -1.01 38.88 -11.06
C GLU D 263 -0.82 39.06 -9.61
N ASP D 264 -0.33 40.25 -9.26
CA ASP D 264 0.00 40.53 -7.87
CA ASP D 264 0.14 40.56 -7.92
C ASP D 264 0.99 39.47 -7.31
N GLY D 265 1.87 38.89 -8.16
CA GLY D 265 2.78 37.88 -7.59
C GLY D 265 2.32 36.43 -7.72
N TYR D 266 1.11 36.24 -8.23
CA TYR D 266 0.50 34.92 -8.46
C TYR D 266 0.56 34.51 -9.95
N PHE D 267 0.62 33.20 -10.17
CA PHE D 267 0.69 32.64 -11.53
C PHE D 267 -0.25 31.46 -11.66
N TRP D 268 -0.47 31.08 -12.91
CA TRP D 268 -1.24 29.86 -13.28
C TRP D 268 -0.32 28.81 -13.86
N MET D 269 -0.36 27.60 -13.29
CA MET D 269 0.38 26.44 -13.81
C MET D 269 -0.54 25.38 -14.44
N PRO D 270 -0.28 24.97 -15.67
CA PRO D 270 -1.16 23.93 -16.37
C PRO D 270 -1.29 22.65 -15.60
N TYR D 271 -2.47 22.01 -15.74
CA TYR D 271 -2.63 20.68 -15.20
C TYR D 271 -1.52 19.73 -15.70
N GLU D 272 -1.14 19.85 -16.98
CA GLU D 272 -0.21 18.91 -17.61
C GLU D 272 1.22 19.11 -17.08
N TYR D 273 1.44 20.30 -16.50
CA TYR D 273 2.77 20.68 -15.96
C TYR D 273 2.85 20.04 -14.58
N ILE D 274 1.87 20.28 -13.73
CA ILE D 274 1.91 19.93 -12.32
C ILE D 274 1.86 18.43 -12.09
N SER D 275 1.22 17.73 -13.00
CA SER D 275 0.97 16.27 -12.91
C SER D 275 2.11 15.48 -13.53
N ASN D 276 3.01 16.14 -14.26
CA ASN D 276 4.14 15.49 -14.93
C ASN D 276 5.28 15.22 -13.91
N THR D 277 5.61 13.94 -13.69
CA THR D 277 6.63 13.61 -12.66
C THR D 277 8.01 14.10 -13.05
N GLN D 278 8.24 14.44 -14.32
CA GLN D 278 9.48 15.02 -14.77
C GLN D 278 9.50 16.55 -14.75
N LEU D 279 8.42 17.17 -14.28
CA LEU D 279 8.37 18.65 -14.15
C LEU D 279 8.10 19.10 -12.73
N ALA D 280 7.46 18.31 -11.87
CA ALA D 280 7.09 18.77 -10.54
C ALA D 280 7.13 17.62 -9.58
N ASP D 281 7.35 17.84 -8.26
CA ASP D 281 7.50 16.75 -7.34
C ASP D 281 7.41 17.33 -5.94
N ASP D 282 7.39 16.45 -4.98
CA ASP D 282 7.58 16.88 -3.59
C ASP D 282 6.46 17.80 -3.09
N PHE D 283 5.25 17.29 -3.22
CA PHE D 283 4.02 17.91 -2.72
C PHE D 283 3.85 17.57 -1.27
N TRP D 284 3.71 18.61 -0.43
CA TRP D 284 3.63 18.42 1.00
C TRP D 284 2.62 19.34 1.65
N VAL D 285 2.01 18.80 2.73
CA VAL D 285 1.04 19.55 3.55
CA VAL D 285 1.08 19.59 3.53
C VAL D 285 1.54 19.56 4.98
N ILE D 286 1.47 20.70 5.65
CA ILE D 286 1.88 20.75 7.04
C ILE D 286 0.63 20.98 7.93
N LYS D 287 0.75 20.65 9.21
CA LYS D 287 -0.40 20.74 10.12
C LYS D 287 0.06 20.94 11.54
N THR D 288 -0.65 21.80 12.29
CA THR D 288 -0.29 22.04 13.70
C THR D 288 -1.60 21.77 14.49
N VAL D 289 -1.62 20.69 15.27
CA VAL D 289 -2.82 20.35 16.08
C VAL D 289 -2.47 20.79 17.52
N ARG D 290 -3.35 21.62 18.10
CA ARG D 290 -3.15 22.22 19.47
C ARG D 290 -3.55 21.25 20.57
N1 UDP E . -17.43 1.18 -0.70
C2 UDP E . -17.02 1.34 0.59
N3 UDP E . -17.57 2.37 1.34
C4 UDP E . -18.52 3.18 0.81
C5 UDP E . -18.92 3.06 -0.53
C6 UDP E . -18.43 1.95 -1.23
O2 UDP E . -16.21 0.62 1.11
O4 UDP E . -18.89 4.16 1.54
C1' UDP E . -16.70 0.12 -1.49
C2' UDP E . -17.07 -1.30 -1.14
O2' UDP E . -15.91 -2.08 -1.43
C3' UDP E . -18.11 -1.53 -2.16
C4' UDP E . -17.50 -0.86 -3.41
O4' UDP E . -16.88 0.34 -2.90
O3' UDP E . -18.19 -2.94 -2.37
C5' UDP E . -18.56 -0.60 -4.46
O5' UDP E . -19.50 0.32 -3.88
PA UDP E . -20.52 1.14 -4.69
O1A UDP E . -21.61 1.69 -3.86
O2A UDP E . -19.83 2.13 -5.57
O3A UDP E . -21.09 -0.07 -5.61
PB UDP E . -22.38 -0.25 -6.57
O1B UDP E . -21.88 -0.72 -7.86
O2B UDP E . -23.21 -1.17 -5.84
O3B UDP E . -23.14 1.03 -6.78
N1 UDP F . -8.95 -30.11 13.11
C2 UDP F . -8.05 -29.82 12.16
N3 UDP F . -7.50 -30.91 11.42
C4 UDP F . -7.88 -32.20 11.69
C5 UDP F . -8.85 -32.50 12.66
C6 UDP F . -9.31 -31.38 13.41
O2 UDP F . -7.66 -28.67 11.95
O4 UDP F . -7.34 -33.11 11.00
C1' UDP F . -9.41 -28.94 13.96
C2' UDP F . -10.45 -28.02 13.33
O2' UDP F . -10.29 -26.75 13.97
C3' UDP F . -11.72 -28.65 13.76
C4' UDP F . -11.35 -29.04 15.18
O4' UDP F . -9.95 -29.48 15.17
O3' UDP F . -12.76 -27.73 13.74
C5' UDP F . -12.22 -30.11 15.84
O5' UDP F . -12.17 -31.27 15.01
PA UDP F . -12.88 -32.62 15.46
O1A UDP F . -12.79 -33.63 14.37
O2A UDP F . -12.27 -32.98 16.76
O3A UDP F . -14.34 -32.02 15.63
PB UDP F . -15.78 -32.64 15.87
O1B UDP F . -16.47 -31.88 16.89
O2B UDP F . -16.54 -32.55 14.66
O3B UDP F . -15.49 -34.06 16.28
N1 UDP G . 21.30 15.46 -22.95
C2 UDP G . 21.27 14.12 -22.65
N3 UDP G . 22.26 13.30 -23.22
C4 UDP G . 23.27 13.78 -24.02
C5 UDP G . 23.34 15.18 -24.26
C6 UDP G . 22.33 16.00 -23.68
O2 UDP G . 20.34 13.68 -21.95
O4 UDP G . 24.13 12.95 -24.48
C1' UDP G . 20.24 16.28 -22.44
C2' UDP G . 20.20 16.56 -20.95
O2' UDP G . 18.83 16.82 -20.65
C3' UDP G . 20.84 17.92 -20.88
C4' UDP G . 20.32 18.61 -22.15
O4' UDP G . 20.37 17.51 -23.10
O3' UDP G . 20.51 18.63 -19.71
C5' UDP G . 21.28 19.72 -22.59
O5' UDP G . 22.60 19.21 -22.84
PA UDP G . 23.63 20.08 -23.74
O1A UDP G . 24.87 19.40 -23.68
O2A UDP G . 23.04 20.31 -25.06
O3A UDP G . 23.53 21.38 -22.83
PB UDP G . 24.60 22.50 -22.41
O1B UDP G . 25.55 22.17 -21.33
O2B UDP G . 25.35 22.94 -23.63
O3B UDP G . 23.65 23.56 -21.92
N1 UDP H . 7.40 11.73 9.30
C2 UDP H . 6.42 12.25 8.50
N3 UDP H . 5.52 13.14 9.06
C4 UDP H . 5.58 13.43 10.43
C5 UDP H . 6.58 12.89 11.25
C6 UDP H . 7.54 12.08 10.66
O2 UDP H . 6.29 12.02 7.26
O4 UDP H . 4.71 14.24 10.86
C1' UDP H . 8.33 10.70 8.72
C2' UDP H . 9.38 11.27 7.82
O2' UDP H . 9.62 10.22 6.84
C3' UDP H . 10.56 11.32 8.76
C4' UDP H . 10.40 10.06 9.70
O4' UDP H . 8.98 9.99 9.76
O3' UDP H . 11.74 11.43 8.00
C5' UDP H . 11.00 10.24 11.07
O5' UDP H . 10.45 11.45 11.67
PA UDP H . 10.77 11.59 13.24
O1A UDP H . 10.23 12.98 13.56
O2A UDP H . 10.15 10.47 13.99
O3A UDP H . 12.28 11.34 13.30
PB UDP H . 13.36 11.76 14.36
O1B UDP H . 14.24 10.64 14.60
O2B UDP H . 13.97 12.90 13.67
O3B UDP H . 12.66 12.21 15.62
#